data_9LRY
#
_entry.id   9LRY
#
_cell.length_a   1.00
_cell.length_b   1.00
_cell.length_c   1.00
_cell.angle_alpha   90.00
_cell.angle_beta   90.00
_cell.angle_gamma   90.00
#
_symmetry.space_group_name_H-M   'P 1'
#
loop_
_entity.id
_entity.type
_entity.pdbx_description
1 polymer Flagellin
2 polymer 'Bacterial flagellar sheath protein'
3 polymer 'Bacterial flagellar sheath protein'
#
loop_
_entity_poly.entity_id
_entity_poly.type
_entity_poly.pdbx_seq_one_letter_code
_entity_poly.pdbx_strand_id
1 'polypeptide(L)'
;MIINHNVSAIFAHRTLKSNDANLSKDIEKLSSGMRINKAGDDASGLAVSEKMRTQIAGLRRAEQNTEDGMSLIQTAEGYL
QETHEIVQRVRVLAVQAANGIYSEEDRQQIQVEVSQLVDEIDRIASQAEFNKMKLLTGAFARLNPTASMWFHIGANMHQR
ERVYIETMNTAALGLRNPTVLTFISLSTAGKANSVIGLCDDALRVISKQRADLGAYYNRMEHAAKGLMNAYENTQASESR
IRDTDMAEQMTSFTRYQILTQAATSMLAQANMKSQSVMRLLQ
;
A
2 'polypeptide(L)'
;MKIKLILPILLLSIGVFAQTGSSETGSTSAGIDPSQSGKSMADTEKELDDNISEVNKRLRLHTVLFKMKVRTLPHKTVLY
KGKPSADGERCEAADKQEAQDNTCLHLEVFDFVGSEDGKSSKNLGAKFKKMELFFEGSNNADPDPRKEQPRNLTKIRTYI
YQNNFLLEDKVISVIADVAPNGEPAHNDKIELFYQHDDYPVWGTPETPSEKGVGKYILSNVENTKSNPIRNNFKKQFYFK
NLDYFDKLFTKIFDYNDRDSNKHYKKNVEALKGSLKY
;
C
3 'polypeptide(L)'
;MKIIKYLLILQLVSGFSVLFAQTQPANAQESQAAKDQVDELLKGELVPENDDAELTEDQKKKKKEIMEQESLWKNPDFKG
YNKTFQELHQLSKTFANNQFRLALSNYQSGVNTIMKNRDWVEQYRKEEAEKKRLDEKWYWQKVDRKAREERVVYREKMKA
KQDALNYFSKAINHLDEIKNPDLRERPEFKRLLSDVYRSWIMAEYDLQNLPQTIPILELYIEIDDNEKEYPAHKYLASAY
SFEENMIKKTKGPDDMLFKYRYKKNVHLLRATELKYGKDSPEYKHIVNVINRDEVISVAQ
;
B
#
# COMPACT_ATOMS: atom_id res chain seq x y z
N MET A 1 92.62 38.40 -44.10
CA MET A 1 91.26 38.18 -43.64
C MET A 1 91.10 36.73 -43.17
N ILE A 2 90.26 36.53 -42.15
CA ILE A 2 90.08 35.20 -41.59
C ILE A 2 89.42 34.29 -42.60
N ILE A 3 90.03 33.13 -42.85
CA ILE A 3 89.45 32.12 -43.72
C ILE A 3 89.13 30.83 -42.98
N ASN A 4 89.54 30.69 -41.72
CA ASN A 4 89.28 29.47 -40.98
C ASN A 4 87.80 29.34 -40.61
N HIS A 5 87.10 30.45 -40.42
CA HIS A 5 85.68 30.42 -40.09
C HIS A 5 84.98 31.59 -40.75
N ASN A 6 83.67 31.44 -40.94
CA ASN A 6 82.83 32.41 -41.63
C ASN A 6 81.68 32.77 -40.69
N VAL A 7 81.90 33.81 -39.88
CA VAL A 7 80.90 34.21 -38.89
C VAL A 7 79.63 34.71 -39.58
N SER A 8 79.78 35.39 -40.72
CA SER A 8 78.62 35.88 -41.46
C SER A 8 77.74 34.73 -41.94
N ALA A 9 78.35 33.63 -42.36
CA ALA A 9 77.57 32.48 -42.79
C ALA A 9 76.84 31.84 -41.60
N ILE A 10 77.45 31.85 -40.43
CA ILE A 10 76.81 31.29 -39.24
C ILE A 10 75.57 32.09 -38.88
N PHE A 11 75.69 33.43 -38.88
CA PHE A 11 74.54 34.26 -38.55
C PHE A 11 73.42 34.09 -39.57
N ALA A 12 73.76 34.04 -40.86
CA ALA A 12 72.74 33.87 -41.89
C ALA A 12 72.09 32.50 -41.82
N HIS A 13 72.83 31.48 -41.36
CA HIS A 13 72.24 30.15 -41.21
C HIS A 13 71.36 30.08 -39.97
N ARG A 14 71.74 30.78 -38.90
CA ARG A 14 70.92 30.83 -37.71
C ARG A 14 69.58 31.51 -38.00
N THR A 15 69.60 32.61 -38.76
CA THR A 15 68.37 33.30 -39.12
C THR A 15 67.50 32.42 -40.00
N LEU A 16 68.11 31.70 -40.93
CA LEU A 16 67.34 30.83 -41.83
C LEU A 16 66.69 29.68 -41.08
N LYS A 17 67.39 29.12 -40.10
CA LYS A 17 66.84 28.00 -39.33
C LYS A 17 65.59 28.42 -38.57
N SER A 18 65.63 29.60 -37.93
CA SER A 18 64.49 30.06 -37.14
C SER A 18 63.28 30.33 -38.02
N ASN A 19 63.48 30.97 -39.18
CA ASN A 19 62.36 31.30 -40.04
C ASN A 19 61.76 30.07 -40.72
N ASP A 20 62.58 29.03 -40.95
CA ASP A 20 62.05 27.80 -41.51
C ASP A 20 61.06 27.13 -40.56
N ALA A 21 61.33 27.19 -39.25
CA ALA A 21 60.40 26.64 -38.28
C ALA A 21 59.12 27.45 -38.23
N ASN A 22 59.21 28.78 -38.40
CA ASN A 22 58.01 29.61 -38.44
C ASN A 22 57.16 29.31 -39.67
N LEU A 23 57.79 28.97 -40.79
CA LEU A 23 57.04 28.58 -41.98
C LEU A 23 56.28 27.28 -41.75
N SER A 24 56.90 26.32 -41.06
CA SER A 24 56.24 25.04 -40.81
C SER A 24 55.00 25.21 -39.95
N LYS A 25 55.08 26.06 -38.93
CA LYS A 25 53.91 26.29 -38.07
C LYS A 25 52.77 26.96 -38.83
N ASP A 26 53.09 27.78 -39.84
CA ASP A 26 52.04 28.40 -40.64
C ASP A 26 51.39 27.39 -41.58
N ILE A 27 52.14 26.41 -42.07
CA ILE A 27 51.57 25.37 -42.92
C ILE A 27 50.60 24.52 -42.13
N GLU A 28 50.90 24.24 -40.86
CA GLU A 28 50.02 23.44 -40.03
C GLU A 28 48.66 24.13 -39.85
N LYS A 29 48.67 25.44 -39.59
CA LYS A 29 47.43 26.17 -39.37
C LYS A 29 46.60 26.31 -40.64
N LEU A 30 47.25 26.42 -41.80
CA LEU A 30 46.53 26.59 -43.05
C LEU A 30 45.90 25.28 -43.53
N SER A 31 46.62 24.17 -43.39
CA SER A 31 46.13 22.91 -43.95
C SER A 31 45.03 22.29 -43.08
N SER A 32 45.11 22.44 -41.77
CA SER A 32 44.11 21.86 -40.88
C SER A 32 42.93 22.78 -40.62
N GLY A 33 43.13 24.09 -40.70
CA GLY A 33 42.06 25.03 -40.43
C GLY A 33 41.85 25.36 -38.97
N MET A 34 42.78 25.01 -38.10
CA MET A 34 42.67 25.26 -36.67
C MET A 34 43.84 26.11 -36.20
N ARG A 35 43.54 27.09 -35.35
CA ARG A 35 44.58 27.97 -34.81
C ARG A 35 45.53 27.20 -33.90
N ILE A 36 45.01 26.25 -33.13
CA ILE A 36 45.78 25.48 -32.17
C ILE A 36 45.80 24.03 -32.62
N ASN A 37 47.00 23.49 -32.83
CA ASN A 37 47.17 22.13 -33.32
C ASN A 37 47.94 21.23 -32.37
N LYS A 38 49.02 21.75 -31.77
CA LYS A 38 49.82 21.01 -30.81
C LYS A 38 49.84 21.75 -29.49
N ALA A 39 50.05 20.99 -28.42
CA ALA A 39 50.30 21.60 -27.13
C ALA A 39 51.53 22.48 -27.20
N GLY A 40 51.42 23.68 -26.64
CA GLY A 40 52.44 24.70 -26.78
C GLY A 40 52.01 25.89 -27.62
N ASP A 41 51.04 25.71 -28.50
CA ASP A 41 50.47 26.85 -29.21
C ASP A 41 49.67 27.74 -28.25
N ASP A 42 48.62 27.17 -27.65
CA ASP A 42 47.85 27.88 -26.62
C ASP A 42 47.27 26.81 -25.69
N ALA A 43 47.97 26.55 -24.58
CA ALA A 43 47.53 25.51 -23.67
C ALA A 43 46.21 25.87 -23.00
N SER A 44 46.06 27.11 -22.57
CA SER A 44 44.78 27.54 -22.00
C SER A 44 43.68 27.53 -23.05
N GLY A 45 43.98 28.00 -24.27
CA GLY A 45 42.99 27.98 -25.33
C GLY A 45 42.58 26.58 -25.73
N LEU A 46 43.54 25.66 -25.81
CA LEU A 46 43.21 24.28 -26.13
C LEU A 46 42.31 23.67 -25.07
N ALA A 47 42.59 23.92 -23.79
CA ALA A 47 41.77 23.36 -22.72
C ALA A 47 40.35 23.90 -22.76
N VAL A 48 40.18 25.19 -23.05
CA VAL A 48 38.85 25.76 -23.18
C VAL A 48 38.17 25.25 -24.44
N SER A 49 38.92 25.13 -25.54
CA SER A 49 38.35 24.62 -26.78
C SER A 49 37.86 23.19 -26.63
N GLU A 50 38.65 22.33 -26.00
CA GLU A 50 38.25 20.93 -25.86
C GLU A 50 37.12 20.76 -24.85
N LYS A 51 37.05 21.63 -23.84
CA LYS A 51 35.88 21.62 -22.97
C LYS A 51 34.62 22.00 -23.73
N MET A 52 34.72 23.00 -24.61
CA MET A 52 33.56 23.41 -25.40
C MET A 52 33.16 22.34 -26.41
N ARG A 53 34.15 21.63 -26.97
CA ARG A 53 33.84 20.58 -27.93
C ARG A 53 33.03 19.46 -27.28
N THR A 54 33.37 19.10 -26.03
CA THR A 54 32.59 18.11 -25.31
C THR A 54 31.16 18.61 -25.08
N GLN A 55 31.00 19.88 -24.74
CA GLN A 55 29.66 20.43 -24.55
C GLN A 55 28.86 20.44 -25.84
N ILE A 56 29.52 20.74 -26.97
CA ILE A 56 28.82 20.79 -28.25
C ILE A 56 28.30 19.41 -28.63
N ALA A 57 29.12 18.38 -28.46
CA ALA A 57 28.64 17.02 -28.70
C ALA A 57 27.57 16.64 -27.69
N GLY A 58 27.73 17.06 -26.43
CA GLY A 58 26.72 16.77 -25.43
C GLY A 58 25.40 17.47 -25.69
N LEU A 59 25.45 18.76 -26.06
CA LEU A 59 24.23 19.49 -26.34
C LEU A 59 23.49 18.91 -27.54
N ARG A 60 24.23 18.53 -28.58
CA ARG A 60 23.60 17.93 -29.75
C ARG A 60 22.97 16.58 -29.40
N ARG A 61 23.66 15.76 -28.61
CA ARG A 61 23.08 14.50 -28.16
C ARG A 61 21.90 14.74 -27.22
N ALA A 62 22.01 15.73 -26.34
CA ALA A 62 20.90 16.06 -25.44
C ALA A 62 19.68 16.52 -26.21
N GLU A 63 19.88 17.22 -27.33
CA GLU A 63 18.76 17.57 -28.19
C GLU A 63 18.12 16.32 -28.82
N GLN A 64 18.95 15.36 -29.23
CA GLN A 64 18.41 14.10 -29.75
C GLN A 64 17.66 13.35 -28.66
N ASN A 65 18.18 13.37 -27.42
CA ASN A 65 17.49 12.72 -26.31
C ASN A 65 16.12 13.34 -26.07
N THR A 66 16.02 14.67 -26.20
CA THR A 66 14.75 15.34 -25.95
C THR A 66 13.70 14.94 -26.98
N GLU A 67 14.07 14.86 -28.26
CA GLU A 67 13.12 14.48 -29.29
C GLU A 67 12.61 13.06 -29.09
N ASP A 68 13.50 12.15 -28.68
CA ASP A 68 13.07 10.80 -28.35
C ASP A 68 12.08 10.82 -27.19
N GLY A 69 12.31 11.69 -26.20
CA GLY A 69 11.33 11.85 -25.14
C GLY A 69 10.00 12.37 -25.64
N MET A 70 10.03 13.34 -26.57
CA MET A 70 8.80 13.83 -27.18
C MET A 70 8.09 12.71 -27.93
N SER A 71 8.84 11.85 -28.61
CA SER A 71 8.24 10.73 -29.33
C SER A 71 7.49 9.80 -28.38
N LEU A 72 8.10 9.50 -27.23
CA LEU A 72 7.45 8.64 -26.24
C LEU A 72 6.19 9.29 -25.69
N ILE A 73 6.25 10.58 -25.40
CA ILE A 73 5.07 11.29 -24.91
C ILE A 73 3.98 11.33 -25.98
N GLN A 74 4.36 11.64 -27.21
CA GLN A 74 3.40 11.66 -28.31
C GLN A 74 2.78 10.29 -28.54
N THR A 75 3.60 9.23 -28.46
CA THR A 75 3.09 7.87 -28.63
C THR A 75 2.09 7.52 -27.54
N ALA A 76 2.40 7.85 -26.28
CA ALA A 76 1.49 7.53 -25.18
C ALA A 76 0.17 8.28 -25.31
N GLU A 77 0.22 9.55 -25.72
CA GLU A 77 -0.99 10.32 -25.86
C GLU A 77 -1.89 9.78 -26.97
N GLY A 78 -1.30 9.15 -27.99
CA GLY A 78 -2.09 8.60 -29.07
C GLY A 78 -2.95 7.43 -28.63
N TYR A 79 -2.43 6.59 -27.74
CA TYR A 79 -3.19 5.43 -27.26
C TYR A 79 -4.41 5.87 -26.45
N LEU A 80 -4.26 6.91 -25.63
CA LEU A 80 -5.38 7.40 -24.82
C LEU A 80 -6.48 8.01 -25.68
N GLN A 81 -6.17 8.39 -26.92
CA GLN A 81 -7.21 8.89 -27.81
C GLN A 81 -8.24 7.82 -28.14
N GLU A 82 -7.78 6.59 -28.38
CA GLU A 82 -8.72 5.49 -28.60
C GLU A 82 -9.50 5.16 -27.33
N THR A 83 -8.83 5.16 -26.19
CA THR A 83 -9.51 4.89 -24.91
C THR A 83 -10.59 5.93 -24.63
N HIS A 84 -10.37 7.18 -25.05
CA HIS A 84 -11.36 8.22 -24.79
C HIS A 84 -12.63 8.00 -25.59
N GLU A 85 -12.50 7.60 -26.87
CA GLU A 85 -13.69 7.41 -27.70
C GLU A 85 -14.52 6.23 -27.22
N ILE A 86 -13.88 5.18 -26.73
CA ILE A 86 -14.63 4.00 -26.27
C ILE A 86 -15.49 4.35 -25.06
N VAL A 87 -14.92 5.09 -24.10
CA VAL A 87 -15.68 5.47 -22.91
C VAL A 87 -16.83 6.42 -23.28
N GLN A 88 -16.61 7.29 -24.26
CA GLN A 88 -17.70 8.12 -24.77
C GLN A 88 -18.81 7.25 -25.36
N ARG A 89 -18.44 6.18 -26.07
CA ARG A 89 -19.44 5.28 -26.64
C ARG A 89 -20.21 4.54 -25.57
N VAL A 90 -19.54 4.12 -24.48
CA VAL A 90 -20.25 3.51 -23.37
C VAL A 90 -21.21 4.50 -22.74
N ARG A 91 -20.80 5.76 -22.66
CA ARG A 91 -21.60 6.79 -21.99
C ARG A 91 -22.88 7.08 -22.76
N VAL A 92 -22.81 7.08 -24.10
CA VAL A 92 -24.03 7.28 -24.89
C VAL A 92 -24.91 6.03 -24.83
N LEU A 93 -24.29 4.85 -24.73
CA LEU A 93 -25.07 3.61 -24.61
C LEU A 93 -25.79 3.51 -23.27
N ALA A 94 -25.23 4.11 -22.22
CA ALA A 94 -25.86 4.05 -20.91
C ALA A 94 -27.09 4.95 -20.82
N VAL A 95 -27.08 6.08 -21.52
CA VAL A 95 -28.26 6.94 -21.56
C VAL A 95 -29.42 6.21 -22.24
N GLN A 96 -29.13 5.53 -23.35
CA GLN A 96 -30.17 4.76 -24.02
C GLN A 96 -30.68 3.62 -23.15
N ALA A 97 -29.76 2.89 -22.51
CA ALA A 97 -30.16 1.76 -21.68
C ALA A 97 -30.89 2.20 -20.42
N ALA A 98 -30.72 3.46 -20.00
CA ALA A 98 -31.42 3.95 -18.82
C ALA A 98 -32.90 4.21 -19.07
N ASN A 99 -33.32 4.29 -20.32
CA ASN A 99 -34.73 4.52 -20.64
C ASN A 99 -35.56 3.30 -20.27
N GLY A 100 -36.85 3.53 -20.04
CA GLY A 100 -37.74 2.51 -19.54
C GLY A 100 -38.48 1.68 -20.55
N ILE A 101 -38.42 2.06 -21.84
CA ILE A 101 -39.16 1.31 -22.85
C ILE A 101 -38.50 -0.01 -23.22
N TYR A 102 -37.22 -0.18 -22.91
CA TYR A 102 -36.51 -1.39 -23.27
C TYR A 102 -36.83 -2.51 -22.28
N SER A 103 -36.57 -3.74 -22.70
CA SER A 103 -36.76 -4.92 -21.89
C SER A 103 -35.40 -5.47 -21.45
N GLU A 104 -35.43 -6.62 -20.78
CA GLU A 104 -34.18 -7.26 -20.35
C GLU A 104 -33.34 -7.70 -21.54
N GLU A 105 -34.00 -8.15 -22.61
CA GLU A 105 -33.27 -8.65 -23.77
C GLU A 105 -32.57 -7.52 -24.53
N ASP A 106 -33.24 -6.38 -24.71
CA ASP A 106 -32.61 -5.24 -25.35
C ASP A 106 -31.42 -4.73 -24.55
N ARG A 107 -31.57 -4.67 -23.23
CA ARG A 107 -30.45 -4.27 -22.38
C ARG A 107 -29.32 -5.28 -22.45
N GLN A 108 -29.63 -6.57 -22.56
CA GLN A 108 -28.58 -7.57 -22.73
C GLN A 108 -27.85 -7.38 -24.06
N GLN A 109 -28.59 -7.02 -25.11
CA GLN A 109 -27.95 -6.73 -26.39
C GLN A 109 -27.05 -5.51 -26.31
N ILE A 110 -27.39 -4.54 -25.47
CA ILE A 110 -26.48 -3.42 -25.23
C ILE A 110 -25.24 -3.89 -24.45
N GLN A 111 -25.45 -4.75 -23.45
CA GLN A 111 -24.34 -5.26 -22.66
C GLN A 111 -23.38 -6.08 -23.52
N VAL A 112 -23.88 -6.69 -24.60
CA VAL A 112 -23.02 -7.43 -25.51
C VAL A 112 -21.94 -6.52 -26.09
N GLU A 113 -22.32 -5.31 -26.50
CA GLU A 113 -21.32 -4.37 -27.00
C GLU A 113 -20.47 -3.79 -25.86
N VAL A 114 -21.09 -3.58 -24.69
CA VAL A 114 -20.35 -3.03 -23.56
C VAL A 114 -19.20 -3.95 -23.16
N SER A 115 -19.43 -5.26 -23.20
CA SER A 115 -18.38 -6.22 -22.87
C SER A 115 -17.20 -6.10 -23.83
N GLN A 116 -17.49 -5.97 -25.13
CA GLN A 116 -16.43 -5.80 -26.12
C GLN A 116 -15.65 -4.51 -25.87
N LEU A 117 -16.36 -3.44 -25.52
CA LEU A 117 -15.68 -2.17 -25.28
C LEU A 117 -14.78 -2.24 -24.05
N VAL A 118 -15.24 -2.89 -22.98
CA VAL A 118 -14.41 -3.05 -21.79
C VAL A 118 -13.17 -3.89 -22.13
N ASP A 119 -13.35 -4.96 -22.90
CA ASP A 119 -12.21 -5.79 -23.29
C ASP A 119 -11.21 -4.99 -24.12
N GLU A 120 -11.71 -4.13 -25.01
CA GLU A 120 -10.80 -3.33 -25.83
C GLU A 120 -10.05 -2.30 -24.99
N ILE A 121 -10.70 -1.73 -23.97
CA ILE A 121 -9.99 -0.83 -23.06
C ILE A 121 -8.85 -1.58 -22.37
N ASP A 122 -9.14 -2.78 -21.87
CA ASP A 122 -8.10 -3.57 -21.22
C ASP A 122 -6.97 -3.90 -22.19
N ARG A 123 -7.31 -4.25 -23.43
CA ARG A 123 -6.29 -4.58 -24.42
C ARG A 123 -5.39 -3.39 -24.73
N ILE A 124 -5.99 -2.20 -24.88
CA ILE A 124 -5.20 -0.98 -25.10
C ILE A 124 -4.25 -0.75 -23.93
N ALA A 125 -4.74 -0.89 -22.70
CA ALA A 125 -3.89 -0.69 -21.55
C ALA A 125 -2.76 -1.71 -21.52
N SER A 126 -3.03 -2.95 -21.94
CA SER A 126 -2.04 -4.01 -21.86
C SER A 126 -0.97 -3.92 -22.95
N GLN A 127 -1.30 -3.38 -24.12
CA GLN A 127 -0.42 -3.51 -25.28
C GLN A 127 0.16 -2.19 -25.76
N ALA A 128 0.00 -1.10 -25.01
CA ALA A 128 0.57 0.18 -25.41
C ALA A 128 2.06 0.21 -25.09
N GLU A 129 2.88 0.35 -26.12
CA GLU A 129 4.33 0.15 -25.99
C GLU A 129 5.09 1.25 -26.71
N PHE A 130 6.26 1.58 -26.15
CA PHE A 130 7.26 2.38 -26.85
C PHE A 130 8.61 1.70 -26.63
N ASN A 131 9.20 1.19 -27.70
CA ASN A 131 10.48 0.47 -27.63
C ASN A 131 10.41 -0.67 -26.62
N LYS A 132 9.33 -1.44 -26.70
CA LYS A 132 9.06 -2.64 -25.92
C LYS A 132 8.77 -2.37 -24.44
N MET A 133 8.57 -1.12 -24.06
CA MET A 133 8.25 -0.77 -22.68
C MET A 133 6.75 -0.49 -22.56
N LYS A 134 6.10 -1.18 -21.63
CA LYS A 134 4.70 -0.91 -21.35
C LYS A 134 4.56 0.46 -20.70
N LEU A 135 3.58 1.23 -21.15
CA LEU A 135 3.41 2.61 -20.71
C LEU A 135 2.18 2.83 -19.82
N LEU A 136 1.07 2.15 -20.10
CA LEU A 136 -0.20 2.43 -19.46
C LEU A 136 -0.57 1.39 -18.40
N THR A 137 0.33 0.48 -18.07
CA THR A 137 0.02 -0.58 -17.12
C THR A 137 0.23 -0.15 -15.67
N GLY A 138 1.02 0.89 -15.43
CA GLY A 138 1.23 1.38 -14.08
C GLY A 138 2.68 1.34 -13.64
N ALA A 139 3.57 0.94 -14.54
CA ALA A 139 4.99 0.85 -14.19
C ALA A 139 5.57 2.22 -13.86
N PHE A 140 5.16 3.25 -14.59
CA PHE A 140 5.71 4.59 -14.44
C PHE A 140 4.78 5.51 -13.65
N ALA A 141 4.00 4.95 -12.73
CA ALA A 141 3.14 5.74 -11.86
C ALA A 141 3.97 6.36 -10.74
N ARG A 142 3.29 7.17 -9.92
CA ARG A 142 3.96 7.88 -8.83
C ARG A 142 3.91 7.12 -7.51
N LEU A 143 2.77 6.53 -7.17
CA LEU A 143 2.58 5.93 -5.85
C LEU A 143 3.43 4.70 -5.63
N ASN A 144 3.22 3.64 -6.42
CA ASN A 144 3.94 2.38 -6.26
C ASN A 144 4.52 1.94 -7.59
N PRO A 145 5.53 2.65 -8.08
CA PRO A 145 6.10 2.31 -9.39
C PRO A 145 7.00 1.08 -9.32
N THR A 146 7.09 0.39 -10.45
CA THR A 146 8.10 -0.63 -10.64
C THR A 146 9.31 -0.11 -11.40
N ALA A 147 9.22 1.08 -11.96
CA ALA A 147 10.32 1.69 -12.71
C ALA A 147 10.09 3.19 -12.76
N SER A 148 11.11 3.92 -13.18
CA SER A 148 11.03 5.36 -13.32
C SER A 148 11.51 5.77 -14.71
N MET A 149 10.94 6.85 -15.23
CA MET A 149 11.28 7.36 -16.55
C MET A 149 11.91 8.73 -16.39
N TRP A 150 13.21 8.82 -16.68
CA TRP A 150 13.93 10.08 -16.70
C TRP A 150 14.41 10.36 -18.11
N PHE A 151 14.26 11.60 -18.56
CA PHE A 151 14.79 12.07 -19.82
C PHE A 151 16.01 12.93 -19.52
N HIS A 152 17.16 12.53 -20.06
CA HIS A 152 18.39 13.30 -19.88
C HIS A 152 18.44 14.37 -20.95
N ILE A 153 18.07 15.59 -20.58
CA ILE A 153 17.85 16.66 -21.55
C ILE A 153 18.96 17.71 -21.46
N GLY A 154 20.11 17.37 -20.88
CA GLY A 154 21.22 18.28 -20.80
C GLY A 154 22.52 17.56 -21.10
N ALA A 155 23.60 18.32 -21.12
CA ALA A 155 24.92 17.82 -21.48
C ALA A 155 25.74 17.37 -20.29
N ASN A 156 25.28 17.59 -19.07
CA ASN A 156 26.07 17.31 -17.87
C ASN A 156 25.40 16.23 -17.02
N MET A 157 25.97 15.99 -15.84
CA MET A 157 25.73 14.74 -15.12
C MET A 157 24.29 14.58 -14.66
N HIS A 158 23.72 15.58 -13.98
CA HIS A 158 22.45 15.42 -13.29
C HIS A 158 21.30 16.17 -13.95
N GLN A 159 21.44 16.50 -15.22
CA GLN A 159 20.44 17.32 -15.92
C GLN A 159 19.38 16.41 -16.54
N ARG A 160 18.47 15.95 -15.68
CA ARG A 160 17.42 15.02 -16.11
C ARG A 160 16.11 15.39 -15.42
N GLU A 161 15.01 15.08 -16.10
CA GLU A 161 13.67 15.35 -15.60
C GLU A 161 12.85 14.06 -15.64
N ARG A 162 11.84 13.99 -14.78
CA ARG A 162 11.04 12.78 -14.61
C ARG A 162 9.65 12.97 -15.22
N VAL A 163 9.10 11.86 -15.70
CA VAL A 163 7.75 11.82 -16.28
C VAL A 163 6.98 10.70 -15.60
N TYR A 164 5.73 10.98 -15.24
CA TYR A 164 4.83 10.00 -14.66
C TYR A 164 3.70 9.66 -15.62
N ILE A 165 3.35 8.39 -15.70
CA ILE A 165 2.17 7.93 -16.43
C ILE A 165 1.41 6.97 -15.53
N GLU A 166 0.15 7.30 -15.25
CA GLU A 166 -0.67 6.51 -14.35
C GLU A 166 -1.29 5.31 -15.07
N THR A 167 -1.86 4.39 -14.29
CA THR A 167 -2.53 3.22 -14.83
C THR A 167 -3.79 3.63 -15.59
N MET A 168 -4.04 2.98 -16.72
CA MET A 168 -5.16 3.34 -17.59
C MET A 168 -5.92 2.09 -18.03
N ASN A 169 -6.18 1.17 -17.12
CA ASN A 169 -7.02 0.03 -17.41
C ASN A 169 -8.40 0.24 -16.79
N THR A 170 -9.26 -0.78 -16.94
CA THR A 170 -10.65 -0.67 -16.47
C THR A 170 -10.70 -0.49 -14.95
N ALA A 171 -9.84 -1.19 -14.22
CA ALA A 171 -9.83 -1.04 -12.76
C ALA A 171 -9.40 0.36 -12.35
N ALA A 172 -8.37 0.91 -13.00
CA ALA A 172 -7.93 2.26 -12.68
C ALA A 172 -8.94 3.32 -13.10
N LEU A 173 -9.82 3.00 -14.05
CA LEU A 173 -10.82 3.95 -14.52
C LEU A 173 -12.14 3.84 -13.74
N GLY A 174 -12.20 2.96 -12.74
CA GLY A 174 -13.42 2.80 -11.97
C GLY A 174 -14.52 2.02 -12.66
N LEU A 175 -14.23 1.42 -13.81
CA LEU A 175 -15.23 0.64 -14.53
C LEU A 175 -15.19 -0.83 -14.19
N ARG A 176 -14.20 -1.27 -13.42
CA ARG A 176 -14.09 -2.65 -12.97
C ARG A 176 -13.65 -2.66 -11.51
N ASN A 177 -14.25 -3.54 -10.72
CA ASN A 177 -13.88 -3.67 -9.32
C ASN A 177 -12.47 -4.21 -9.19
N PRO A 178 -11.55 -3.52 -8.51
CA PRO A 178 -10.17 -4.01 -8.44
C PRO A 178 -9.98 -5.23 -7.56
N THR A 179 -10.94 -5.54 -6.69
CA THR A 179 -10.82 -6.70 -5.79
C THR A 179 -11.62 -7.90 -6.28
N VAL A 180 -12.78 -7.69 -6.91
CA VAL A 180 -13.61 -8.80 -7.38
C VAL A 180 -13.49 -9.01 -8.89
N LEU A 181 -13.13 -7.98 -9.65
CA LEU A 181 -12.89 -8.00 -11.10
C LEU A 181 -14.18 -8.12 -11.91
N THR A 182 -15.34 -7.97 -11.29
CA THR A 182 -16.57 -7.74 -12.05
C THR A 182 -16.59 -6.29 -12.53
N PHE A 183 -17.13 -6.07 -13.72
CA PHE A 183 -17.15 -4.75 -14.30
C PHE A 183 -18.58 -4.24 -14.48
N ILE A 184 -18.70 -3.05 -15.07
CA ILE A 184 -19.97 -2.36 -15.19
C ILE A 184 -20.92 -3.14 -16.09
N SER A 185 -22.22 -3.02 -15.80
CA SER A 185 -23.26 -3.66 -16.59
C SER A 185 -24.37 -2.65 -16.90
N LEU A 186 -24.96 -2.79 -18.08
CA LEU A 186 -26.07 -1.97 -18.52
C LEU A 186 -27.37 -2.74 -18.65
N SER A 187 -27.42 -3.98 -18.15
CA SER A 187 -28.57 -4.83 -18.40
C SER A 187 -29.79 -4.47 -17.55
N THR A 188 -29.66 -3.52 -16.62
CA THR A 188 -30.76 -3.06 -15.80
C THR A 188 -30.83 -1.54 -15.87
N ALA A 189 -32.05 -0.99 -15.89
CA ALA A 189 -32.21 0.45 -16.01
C ALA A 189 -31.57 1.19 -14.84
N GLY A 190 -31.73 0.66 -13.63
CA GLY A 190 -31.08 1.26 -12.48
C GLY A 190 -29.57 1.23 -12.59
N LYS A 191 -29.02 0.09 -13.03
CA LYS A 191 -27.57 -0.01 -13.21
C LYS A 191 -27.09 0.89 -14.34
N ALA A 192 -27.88 1.03 -15.40
CA ALA A 192 -27.50 1.89 -16.51
C ALA A 192 -27.39 3.35 -16.06
N ASN A 193 -28.30 3.79 -15.19
CA ASN A 193 -28.26 5.17 -14.71
C ASN A 193 -26.98 5.46 -13.92
N SER A 194 -26.59 4.52 -13.05
CA SER A 194 -25.37 4.73 -12.27
C SER A 194 -24.11 4.56 -13.11
N VAL A 195 -24.19 3.84 -14.24
CA VAL A 195 -23.06 3.77 -15.15
C VAL A 195 -22.77 5.13 -15.77
N ILE A 196 -23.82 5.92 -16.03
CA ILE A 196 -23.63 7.25 -16.62
C ILE A 196 -22.69 8.09 -15.77
N GLY A 197 -22.87 8.07 -14.46
CA GLY A 197 -21.95 8.77 -13.58
C GLY A 197 -20.55 8.18 -13.60
N LEU A 198 -20.45 6.84 -13.63
CA LEU A 198 -19.14 6.20 -13.66
C LEU A 198 -18.37 6.56 -14.92
N CYS A 199 -19.06 6.66 -16.06
CA CYS A 199 -18.40 7.07 -17.29
C CYS A 199 -17.90 8.51 -17.19
N ASP A 200 -18.68 9.38 -16.53
CA ASP A 200 -18.23 10.75 -16.34
C ASP A 200 -16.94 10.82 -15.54
N ASP A 201 -16.84 10.03 -14.46
CA ASP A 201 -15.61 9.98 -13.69
C ASP A 201 -14.46 9.40 -14.51
N ALA A 202 -14.73 8.35 -15.27
CA ALA A 202 -13.68 7.77 -16.11
C ALA A 202 -13.17 8.76 -17.14
N LEU A 203 -14.08 9.52 -17.76
CA LEU A 203 -13.67 10.49 -18.77
C LEU A 203 -12.79 11.58 -18.15
N ARG A 204 -13.11 11.99 -16.92
CA ARG A 204 -12.30 13.01 -16.25
C ARG A 204 -10.89 12.51 -15.99
N VAL A 205 -10.75 11.22 -15.63
CA VAL A 205 -9.42 10.65 -15.39
C VAL A 205 -8.61 10.61 -16.68
N ILE A 206 -9.24 10.23 -17.79
CA ILE A 206 -8.55 10.19 -19.07
C ILE A 206 -8.18 11.61 -19.50
N SER A 207 -9.11 12.56 -19.34
CA SER A 207 -8.82 13.94 -19.71
C SER A 207 -7.67 14.52 -18.90
N LYS A 208 -7.58 14.14 -17.62
CA LYS A 208 -6.48 14.61 -16.78
C LYS A 208 -5.13 14.03 -17.23
N GLN A 209 -5.11 12.75 -17.59
CA GLN A 209 -3.86 12.14 -18.05
C GLN A 209 -3.38 12.76 -19.36
N ARG A 210 -4.31 13.05 -20.28
CA ARG A 210 -3.93 13.67 -21.54
C ARG A 210 -3.37 15.07 -21.31
N ALA A 211 -3.95 15.82 -20.38
CA ALA A 211 -3.42 17.15 -20.07
C ALA A 211 -2.01 17.06 -19.50
N ASP A 212 -1.74 16.05 -18.68
CA ASP A 212 -0.39 15.88 -18.15
C ASP A 212 0.62 15.61 -19.26
N LEU A 213 0.26 14.74 -20.20
CA LEU A 213 1.18 14.45 -21.29
C LEU A 213 1.35 15.64 -22.22
N GLY A 214 0.27 16.38 -22.48
CA GLY A 214 0.40 17.61 -23.22
C GLY A 214 1.30 18.62 -22.53
N ALA A 215 1.22 18.68 -21.20
CA ALA A 215 2.13 19.53 -20.44
C ALA A 215 3.57 19.05 -20.58
N TYR A 216 3.79 17.74 -20.51
CA TYR A 216 5.14 17.20 -20.68
C TYR A 216 5.68 17.52 -22.05
N TYR A 217 4.83 17.40 -23.08
CA TYR A 217 5.27 17.65 -24.45
C TYR A 217 5.65 19.11 -24.65
N ASN A 218 4.85 20.03 -24.10
CA ASN A 218 5.13 21.46 -24.28
C ASN A 218 6.45 21.85 -23.65
N ARG A 219 6.76 21.31 -22.46
CA ARG A 219 8.03 21.64 -21.81
C ARG A 219 9.21 21.15 -22.62
N MET A 220 9.14 19.90 -23.11
CA MET A 220 10.23 19.36 -23.93
C MET A 220 10.42 20.16 -25.21
N GLU A 221 9.34 20.70 -25.78
CA GLU A 221 9.45 21.53 -26.97
C GLU A 221 10.27 22.78 -26.68
N HIS A 222 10.01 23.44 -25.55
CA HIS A 222 10.81 24.60 -25.16
C HIS A 222 12.27 24.22 -24.93
N ALA A 223 12.51 23.10 -24.25
CA ALA A 223 13.87 22.66 -23.97
C ALA A 223 14.63 22.37 -25.25
N ALA A 224 13.99 21.68 -26.20
CA ALA A 224 14.64 21.36 -27.46
C ALA A 224 15.01 22.63 -28.22
N LYS A 225 14.11 23.63 -28.22
CA LYS A 225 14.42 24.91 -28.87
C LYS A 225 15.58 25.60 -28.15
N GLY A 226 15.61 25.53 -26.82
CA GLY A 226 16.71 26.12 -26.08
C GLY A 226 18.03 25.42 -26.33
N LEU A 227 18.00 24.09 -26.41
CA LEU A 227 19.24 23.33 -26.65
C LEU A 227 19.84 23.68 -27.99
N MET A 228 18.99 23.84 -29.02
CA MET A 228 19.49 24.27 -30.32
C MET A 228 20.11 25.66 -30.25
N ASN A 229 19.46 26.57 -29.51
CA ASN A 229 20.03 27.90 -29.31
C ASN A 229 21.35 27.83 -28.55
N ALA A 230 21.42 26.99 -27.52
CA ALA A 230 22.66 26.83 -26.78
C ALA A 230 23.76 26.25 -27.66
N TYR A 231 23.41 25.29 -28.51
CA TYR A 231 24.39 24.67 -29.40
C TYR A 231 25.01 25.69 -30.35
N GLU A 232 24.18 26.55 -30.94
CA GLU A 232 24.70 27.55 -31.87
C GLU A 232 25.67 28.50 -31.19
N ASN A 233 25.32 28.99 -30.00
CA ASN A 233 26.19 29.93 -29.29
C ASN A 233 27.51 29.29 -28.88
N THR A 234 27.47 28.04 -28.40
CA THR A 234 28.69 27.38 -27.97
C THR A 234 29.63 27.12 -29.15
N GLN A 235 29.08 26.64 -30.27
CA GLN A 235 29.92 26.38 -31.44
C GLN A 235 30.57 27.66 -31.96
N ALA A 236 29.86 28.79 -31.89
CA ALA A 236 30.45 30.07 -32.24
C ALA A 236 31.57 30.43 -31.28
N SER A 237 31.38 30.15 -29.99
CA SER A 237 32.45 30.41 -29.00
C SER A 237 33.66 29.53 -29.26
N GLU A 238 33.45 28.25 -29.60
CA GLU A 238 34.55 27.36 -29.88
C GLU A 238 35.32 27.78 -31.14
N SER A 239 34.60 28.17 -32.19
CA SER A 239 35.25 28.59 -33.42
C SER A 239 36.13 29.81 -33.20
N ARG A 240 35.65 30.79 -32.43
CA ARG A 240 36.42 32.00 -32.18
C ARG A 240 37.73 31.72 -31.45
N ILE A 241 37.81 30.64 -30.70
CA ILE A 241 39.04 30.30 -29.98
C ILE A 241 39.92 29.36 -30.79
N ARG A 242 39.32 28.39 -31.48
CA ARG A 242 40.06 27.29 -32.10
C ARG A 242 40.35 27.50 -33.58
N ASP A 243 39.43 28.10 -34.34
CA ASP A 243 39.53 28.12 -35.79
C ASP A 243 40.43 29.27 -36.25
N THR A 244 41.35 28.96 -37.15
CA THR A 244 42.30 29.95 -37.65
C THR A 244 41.64 30.86 -38.69
N ASP A 245 42.14 32.09 -38.76
CA ASP A 245 41.72 33.03 -39.79
C ASP A 245 42.60 32.79 -41.01
N MET A 246 42.01 32.23 -42.07
CA MET A 246 42.79 31.87 -43.25
C MET A 246 43.38 33.11 -43.92
N ALA A 247 42.60 34.19 -44.02
CA ALA A 247 43.09 35.41 -44.64
C ALA A 247 44.27 36.00 -43.87
N GLU A 248 44.17 36.01 -42.53
CA GLU A 248 45.26 36.52 -41.72
C GLU A 248 46.45 35.57 -41.71
N GLN A 249 46.19 34.26 -41.71
CA GLN A 249 47.28 33.29 -41.69
C GLN A 249 48.05 33.25 -42.99
N MET A 250 47.37 33.47 -44.13
CA MET A 250 48.05 33.51 -45.41
C MET A 250 49.05 34.67 -45.47
N THR A 251 48.71 35.80 -44.86
CA THR A 251 49.64 36.93 -44.82
C THR A 251 50.90 36.57 -44.04
N SER A 252 50.74 35.87 -42.91
CA SER A 252 51.90 35.41 -42.16
C SER A 252 52.73 34.41 -42.96
N PHE A 253 52.06 33.51 -43.67
CA PHE A 253 52.77 32.51 -44.46
C PHE A 253 53.62 33.15 -45.55
N THR A 254 53.09 34.16 -46.24
CA THR A 254 53.85 34.84 -47.28
C THR A 254 55.06 35.56 -46.71
N ARG A 255 54.90 36.21 -45.55
CA ARG A 255 56.01 36.95 -44.96
C ARG A 255 57.18 36.03 -44.61
N TYR A 256 56.89 34.86 -44.03
CA TYR A 256 57.95 33.93 -43.66
C TYR A 256 58.59 33.30 -44.90
N GLN A 257 57.79 33.03 -45.93
CA GLN A 257 58.32 32.46 -47.16
C GLN A 257 59.32 33.40 -47.81
N ILE A 258 59.02 34.69 -47.83
CA ILE A 258 59.96 35.66 -48.40
C ILE A 258 61.21 35.78 -47.53
N LEU A 259 61.04 35.72 -46.21
CA LEU A 259 62.19 35.81 -45.31
C LEU A 259 63.15 34.65 -45.53
N THR A 260 62.62 33.46 -45.82
CA THR A 260 63.48 32.33 -46.16
C THR A 260 64.27 32.59 -47.43
N GLN A 261 63.64 33.20 -48.43
CA GLN A 261 64.34 33.50 -49.68
C GLN A 261 65.46 34.50 -49.45
N ALA A 262 65.22 35.54 -48.65
CA ALA A 262 66.25 36.52 -48.37
C ALA A 262 67.42 35.92 -47.61
N ALA A 263 67.13 35.07 -46.61
CA ALA A 263 68.20 34.44 -45.85
C ALA A 263 69.03 33.51 -46.72
N THR A 264 68.38 32.76 -47.62
CA THR A 264 69.12 31.89 -48.54
C THR A 264 70.00 32.69 -49.49
N SER A 265 69.49 33.82 -49.99
CA SER A 265 70.29 34.66 -50.88
C SER A 265 71.51 35.21 -50.17
N MET A 266 71.35 35.63 -48.92
CA MET A 266 72.49 36.17 -48.18
C MET A 266 73.47 35.08 -47.77
N LEU A 267 72.97 33.88 -47.49
CA LEU A 267 73.86 32.78 -47.12
C LEU A 267 74.79 32.42 -48.27
N ALA A 268 74.28 32.41 -49.50
CA ALA A 268 75.13 32.20 -50.67
C ALA A 268 76.14 33.32 -50.83
N GLN A 269 75.80 34.54 -50.41
CA GLN A 269 76.75 35.64 -50.46
C GLN A 269 77.85 35.47 -49.42
N ALA A 270 77.50 34.98 -48.23
CA ALA A 270 78.48 34.83 -47.17
C ALA A 270 79.51 33.75 -47.49
N ASN A 271 79.09 32.71 -48.22
CA ASN A 271 80.03 31.66 -48.61
C ASN A 271 81.03 32.17 -49.64
N MET A 272 80.58 32.99 -50.58
CA MET A 272 81.46 33.53 -51.61
C MET A 272 82.39 34.63 -51.10
N LYS A 273 82.03 35.28 -49.99
CA LYS A 273 82.83 36.38 -49.49
C LYS A 273 84.23 35.94 -49.10
N SER A 274 84.37 34.68 -48.66
CA SER A 274 85.67 34.22 -48.17
C SER A 274 86.69 34.09 -49.30
N GLN A 275 86.25 33.89 -50.53
CA GLN A 275 87.16 33.65 -51.64
C GLN A 275 87.89 34.91 -52.10
N SER A 276 87.53 36.09 -51.58
CA SER A 276 88.10 37.33 -52.10
C SER A 276 89.59 37.41 -51.83
N VAL A 277 90.04 36.99 -50.65
CA VAL A 277 91.44 37.13 -50.28
C VAL A 277 92.33 36.00 -50.78
N MET A 278 91.76 35.02 -51.47
CA MET A 278 92.58 33.94 -52.02
C MET A 278 93.37 34.37 -53.24
N ARG A 279 93.08 35.54 -53.81
CA ARG A 279 93.81 36.03 -54.97
C ARG A 279 95.18 36.56 -54.56
N SER B 53 2.10 13.66 38.49
CA SER B 53 1.40 13.32 37.26
C SER B 53 -0.08 13.06 37.52
N GLU B 54 -0.35 12.27 38.56
CA GLU B 54 -1.69 11.90 39.03
C GLU B 54 -2.43 11.01 38.05
N VAL B 55 -1.85 10.68 36.90
CA VAL B 55 -2.48 9.73 35.98
C VAL B 55 -2.47 8.34 36.59
N ASN B 56 -1.53 8.06 37.49
CA ASN B 56 -1.53 6.76 38.17
C ASN B 56 -2.76 6.62 39.05
N LYS B 57 -3.19 7.71 39.68
CA LYS B 57 -4.49 7.75 40.34
C LYS B 57 -5.61 7.50 39.34
N ARG B 58 -5.54 8.15 38.17
CA ARG B 58 -6.55 7.96 37.14
C ARG B 58 -6.61 6.51 36.68
N LEU B 59 -5.46 5.86 36.56
CA LEU B 59 -5.43 4.45 36.18
C LEU B 59 -6.09 3.56 37.21
N ARG B 60 -6.24 4.03 38.45
CA ARG B 60 -7.03 3.30 39.45
C ARG B 60 -8.52 3.48 39.24
N LEU B 61 -8.94 4.50 38.49
CA LEU B 61 -10.35 4.72 38.19
C LEU B 61 -10.90 3.79 37.12
N HIS B 62 -10.04 3.01 36.47
CA HIS B 62 -10.47 2.06 35.46
C HIS B 62 -10.80 0.69 36.04
N THR B 63 -10.97 0.60 37.36
CA THR B 63 -11.45 -0.64 37.97
C THR B 63 -12.93 -0.88 37.71
N VAL B 64 -13.62 0.09 37.11
CA VAL B 64 -15.03 -0.10 36.76
C VAL B 64 -15.18 -1.17 35.69
N LEU B 65 -14.21 -1.26 34.76
CA LEU B 65 -14.29 -2.22 33.67
C LEU B 65 -14.15 -3.67 34.12
N PHE B 66 -13.74 -3.90 35.37
CA PHE B 66 -13.53 -5.27 35.83
C PHE B 66 -14.83 -6.06 35.84
N LYS B 67 -15.92 -5.42 36.26
CA LYS B 67 -17.23 -6.07 36.31
C LYS B 67 -18.14 -5.64 35.17
N MET B 68 -17.61 -4.91 34.19
CA MET B 68 -18.39 -4.45 33.05
C MET B 68 -18.13 -5.39 31.87
N LYS B 69 -19.19 -6.00 31.36
CA LYS B 69 -19.05 -6.92 30.22
C LYS B 69 -18.74 -6.12 28.96
N VAL B 70 -17.54 -6.29 28.43
CA VAL B 70 -17.07 -5.51 27.29
C VAL B 70 -17.42 -6.26 26.01
N ARG B 71 -18.30 -5.67 25.20
CA ARG B 71 -18.65 -6.20 23.90
C ARG B 71 -18.28 -5.29 22.74
N THR B 72 -18.20 -3.98 22.97
CA THR B 72 -17.84 -3.02 21.93
C THR B 72 -16.40 -2.56 22.16
N LEU B 73 -15.57 -2.72 21.15
CA LEU B 73 -14.17 -2.33 21.21
C LEU B 73 -13.79 -1.51 19.99
N PRO B 74 -12.78 -0.65 20.11
CA PRO B 74 -12.27 0.07 18.94
C PRO B 74 -11.61 -0.87 17.95
N HIS B 75 -11.37 -0.34 16.75
CA HIS B 75 -10.77 -1.14 15.69
C HIS B 75 -9.37 -1.60 16.09
N LYS B 76 -9.10 -2.89 15.87
CA LYS B 76 -7.80 -3.50 16.13
C LYS B 76 -7.37 -3.32 17.59
N THR B 77 -8.33 -3.40 18.50
CA THR B 77 -8.08 -3.26 19.92
C THR B 77 -8.47 -4.54 20.65
N VAL B 78 -7.62 -5.00 21.54
CA VAL B 78 -7.83 -6.21 22.32
C VAL B 78 -7.83 -5.85 23.80
N LEU B 79 -8.85 -6.31 24.52
CA LEU B 79 -8.95 -6.06 25.96
C LEU B 79 -9.53 -7.29 26.65
N TYR B 80 -8.91 -7.71 27.74
CA TYR B 80 -9.42 -8.82 28.53
C TYR B 80 -8.94 -8.69 29.96
N LYS B 81 -9.62 -9.43 30.84
CA LYS B 81 -9.34 -9.40 32.27
C LYS B 81 -8.76 -10.75 32.70
N GLY B 82 -7.84 -10.70 33.65
CA GLY B 82 -7.23 -11.94 34.11
C GLY B 82 -6.48 -11.75 35.42
N LYS B 83 -5.74 -12.79 35.78
CA LYS B 83 -4.96 -12.90 37.00
C LYS B 83 -3.47 -12.83 36.69
N PRO B 84 -2.64 -12.37 37.64
CA PRO B 84 -1.20 -12.35 37.41
C PRO B 84 -0.65 -13.76 37.23
N SER B 85 0.37 -13.86 36.39
CA SER B 85 1.01 -15.14 36.11
C SER B 85 2.18 -15.36 37.05
N ALA B 86 2.99 -16.39 36.78
CA ALA B 86 4.17 -16.64 37.59
C ALA B 86 5.12 -15.45 37.53
N ASP B 87 5.62 -15.06 38.70
CA ASP B 87 6.50 -13.90 38.92
C ASP B 87 5.81 -12.57 38.61
N GLY B 88 4.52 -12.58 38.28
CA GLY B 88 3.84 -11.32 37.99
C GLY B 88 4.40 -10.61 36.77
N GLU B 89 4.76 -11.36 35.74
CA GLU B 89 5.33 -10.75 34.54
C GLU B 89 4.26 -10.16 33.65
N ARG B 90 3.20 -10.91 33.39
CA ARG B 90 2.14 -10.48 32.48
C ARG B 90 0.79 -10.87 33.08
N CYS B 91 -0.26 -10.71 32.28
CA CYS B 91 -1.62 -11.05 32.67
C CYS B 91 -2.06 -12.30 31.91
N GLU B 92 -2.60 -13.27 32.63
CA GLU B 92 -3.14 -14.50 32.04
C GLU B 92 -4.65 -14.37 31.96
N ALA B 93 -5.19 -14.55 30.76
CA ALA B 93 -6.62 -14.37 30.55
C ALA B 93 -7.42 -15.43 31.33
N ALA B 94 -8.47 -14.98 32.01
CA ALA B 94 -9.32 -15.87 32.78
C ALA B 94 -10.42 -16.45 31.92
N ASP B 95 -10.85 -17.66 32.27
CA ASP B 95 -11.95 -18.29 31.54
C ASP B 95 -13.23 -17.49 31.68
N LYS B 96 -13.53 -16.99 32.88
CA LYS B 96 -14.67 -16.13 33.13
C LYS B 96 -14.17 -14.70 33.26
N GLN B 97 -14.65 -13.82 32.37
CA GLN B 97 -14.20 -12.43 32.33
C GLN B 97 -14.95 -11.55 33.33
N GLU B 98 -15.91 -12.09 34.07
CA GLU B 98 -16.71 -11.30 34.99
C GLU B 98 -16.56 -11.71 36.45
N ALA B 99 -15.72 -12.70 36.74
CA ALA B 99 -15.52 -13.12 38.12
C ALA B 99 -14.84 -12.02 38.92
N GLN B 100 -15.13 -11.99 40.23
CA GLN B 100 -14.52 -11.01 41.11
C GLN B 100 -13.03 -11.24 41.31
N ASP B 101 -12.56 -12.48 41.14
CA ASP B 101 -11.15 -12.80 41.33
C ASP B 101 -10.24 -12.15 40.29
N ASN B 102 -10.80 -11.64 39.19
CA ASN B 102 -10.00 -10.93 38.19
C ASN B 102 -9.33 -9.72 38.83
N THR B 103 -8.04 -9.55 38.54
CA THR B 103 -7.26 -8.50 39.16
C THR B 103 -6.37 -7.74 38.18
N CYS B 104 -6.38 -8.09 36.90
CA CYS B 104 -5.52 -7.43 35.91
C CYS B 104 -6.33 -6.96 34.72
N LEU B 105 -5.88 -5.85 34.12
CA LEU B 105 -6.43 -5.32 32.90
C LEU B 105 -5.38 -5.35 31.81
N HIS B 106 -5.72 -5.95 30.67
CA HIS B 106 -4.82 -6.03 29.52
C HIS B 106 -5.46 -5.28 28.36
N LEU B 107 -4.76 -4.26 27.87
CA LEU B 107 -5.24 -3.46 26.75
C LEU B 107 -4.16 -3.42 25.68
N GLU B 108 -4.51 -3.81 24.46
CA GLU B 108 -3.55 -3.91 23.37
C GLU B 108 -4.12 -3.30 22.11
N VAL B 109 -3.25 -2.62 21.35
CA VAL B 109 -3.59 -2.08 20.03
C VAL B 109 -2.47 -2.47 19.08
N PHE B 110 -2.83 -3.05 17.94
CA PHE B 110 -1.85 -3.49 16.96
C PHE B 110 -1.99 -2.72 15.65
N ASP B 111 -0.91 -2.72 14.89
CA ASP B 111 -0.85 -2.07 13.59
C ASP B 111 0.06 -2.90 12.69
N PHE B 112 0.44 -2.34 11.55
CA PHE B 112 1.22 -3.07 10.56
C PHE B 112 2.36 -2.22 10.03
N VAL B 113 3.52 -2.84 9.86
CA VAL B 113 4.68 -2.15 9.29
C VAL B 113 4.36 -1.74 7.86
N GLY B 114 4.68 -0.49 7.53
CA GLY B 114 4.40 0.05 6.22
C GLY B 114 3.06 0.75 6.09
N SER B 115 2.32 0.93 7.18
CA SER B 115 1.03 1.60 7.11
C SER B 115 1.18 3.08 6.79
N GLU B 116 2.30 3.69 7.19
CA GLU B 116 2.53 5.09 6.88
C GLU B 116 2.83 5.29 5.39
N ASP B 117 3.28 4.24 4.71
CA ASP B 117 3.44 4.25 3.26
C ASP B 117 2.21 3.71 2.55
N GLY B 118 1.16 3.34 3.27
CA GLY B 118 0.00 2.73 2.66
C GLY B 118 0.20 1.31 2.22
N LYS B 119 1.18 0.61 2.78
CA LYS B 119 1.56 -0.74 2.36
C LYS B 119 1.29 -1.78 3.44
N SER B 120 0.22 -1.61 4.22
CA SER B 120 -0.09 -2.58 5.26
C SER B 120 -0.50 -3.92 4.65
N SER B 121 -1.20 -3.90 3.51
CA SER B 121 -1.67 -5.12 2.88
C SER B 121 -0.53 -5.97 2.30
N LYS B 122 0.68 -5.44 2.22
CA LYS B 122 1.81 -6.18 1.69
C LYS B 122 2.42 -7.15 2.69
N ASN B 123 1.96 -7.13 3.94
CA ASN B 123 2.49 -7.99 5.01
C ASN B 123 4.00 -7.81 5.17
N LEU B 124 4.39 -6.59 5.54
CA LEU B 124 5.79 -6.27 5.73
C LEU B 124 6.26 -6.46 7.16
N GLY B 125 5.35 -6.55 8.12
CA GLY B 125 5.74 -6.74 9.50
C GLY B 125 4.61 -6.43 10.45
N ALA B 126 4.85 -6.76 11.71
CA ALA B 126 3.87 -6.60 12.78
C ALA B 126 4.38 -5.67 13.86
N LYS B 127 3.45 -4.93 14.47
CA LYS B 127 3.76 -4.08 15.61
C LYS B 127 2.51 -3.92 16.46
N PHE B 128 2.71 -3.76 17.77
CA PHE B 128 1.60 -3.51 18.67
C PHE B 128 2.12 -2.79 19.91
N LYS B 129 1.21 -2.08 20.57
CA LYS B 129 1.50 -1.39 21.82
C LYS B 129 0.45 -1.82 22.85
N LYS B 130 0.91 -2.33 23.98
CA LYS B 130 0.02 -2.79 25.04
C LYS B 130 0.58 -2.38 26.39
N MET B 131 -0.30 -2.31 27.39
CA MET B 131 0.14 -2.22 28.76
C MET B 131 -0.86 -2.92 29.65
N GLU B 132 -0.38 -3.41 30.79
CA GLU B 132 -1.14 -4.27 31.68
C GLU B 132 -1.19 -3.65 33.07
N LEU B 133 -2.38 -3.65 33.65
CA LEU B 133 -2.60 -3.16 35.00
C LEU B 133 -2.66 -4.34 35.97
N PHE B 134 -2.07 -4.17 37.14
CA PHE B 134 -2.08 -5.20 38.17
C PHE B 134 -2.60 -4.62 39.47
N PHE B 135 -3.60 -5.26 40.05
CA PHE B 135 -4.20 -4.84 41.31
C PHE B 135 -4.03 -5.95 42.34
N GLU B 136 -4.34 -5.62 43.59
CA GLU B 136 -4.25 -6.57 44.69
C GLU B 136 -5.53 -6.52 45.50
N GLY B 137 -5.85 -7.64 46.15
CA GLY B 137 -7.07 -7.75 46.92
C GLY B 137 -8.25 -8.16 46.07
N SER B 138 -9.11 -9.02 46.60
CA SER B 138 -10.27 -9.49 45.86
C SER B 138 -11.25 -8.35 45.63
N ASN B 139 -11.96 -8.42 44.50
CA ASN B 139 -12.95 -7.40 44.18
C ASN B 139 -14.19 -7.59 45.06
N ASN B 140 -14.99 -6.52 45.15
CA ASN B 140 -16.14 -6.50 46.04
C ASN B 140 -17.15 -7.57 45.67
N ALA B 141 -18.01 -7.90 46.64
CA ALA B 141 -19.00 -8.96 46.45
C ALA B 141 -20.09 -8.55 45.48
N ASP B 142 -20.47 -7.28 45.48
CA ASP B 142 -21.56 -6.82 44.60
C ASP B 142 -21.12 -6.92 43.14
N PRO B 143 -22.02 -7.32 42.25
CA PRO B 143 -21.67 -7.47 40.83
C PRO B 143 -21.84 -6.23 39.98
N ASP B 144 -22.24 -5.11 40.55
CA ASP B 144 -22.47 -3.90 39.76
C ASP B 144 -21.16 -3.20 39.48
N PRO B 145 -20.80 -2.96 38.20
CA PRO B 145 -19.58 -2.20 37.89
C PRO B 145 -19.77 -0.70 37.90
N ARG B 146 -21.01 -0.20 37.94
CA ARG B 146 -21.24 1.24 37.83
C ARG B 146 -20.65 2.00 39.01
N LYS B 147 -20.79 1.46 40.22
CA LYS B 147 -20.29 2.11 41.43
C LYS B 147 -19.04 1.37 41.88
N GLU B 148 -17.89 1.87 41.46
CA GLU B 148 -16.61 1.27 41.80
C GLU B 148 -15.62 2.35 42.20
N GLN B 149 -15.05 2.21 43.40
CA GLN B 149 -14.03 3.13 43.86
C GLN B 149 -12.64 2.61 43.46
N PRO B 150 -11.69 3.51 43.23
CA PRO B 150 -10.35 3.09 42.82
C PRO B 150 -9.69 2.18 43.85
N ARG B 151 -8.95 1.20 43.36
CA ARG B 151 -8.18 0.27 44.18
C ARG B 151 -6.69 0.51 43.95
N ASN B 152 -5.86 -0.22 44.69
CA ASN B 152 -4.42 -0.03 44.68
C ASN B 152 -3.79 -0.79 43.52
N LEU B 153 -2.88 -0.13 42.81
CA LEU B 153 -2.21 -0.70 41.65
C LEU B 153 -0.93 -1.41 42.10
N THR B 154 -0.89 -2.73 41.94
CA THR B 154 0.30 -3.49 42.32
C THR B 154 1.49 -3.12 41.43
N LYS B 155 1.30 -3.16 40.11
CA LYS B 155 2.36 -2.78 39.19
C LYS B 155 1.74 -2.43 37.84
N ILE B 156 2.47 -1.61 37.08
CA ILE B 156 2.06 -1.18 35.74
C ILE B 156 3.17 -1.57 34.77
N ARG B 157 2.82 -2.35 33.76
CA ARG B 157 3.77 -2.86 32.78
C ARG B 157 3.35 -2.41 31.38
N THR B 158 4.27 -1.77 30.66
CA THR B 158 4.04 -1.31 29.30
C THR B 158 4.95 -2.08 28.35
N TYR B 159 4.46 -2.32 27.13
CA TYR B 159 5.11 -3.23 26.19
C TYR B 159 4.99 -2.67 24.78
N ILE B 160 6.12 -2.39 24.13
CA ILE B 160 6.17 -1.90 22.77
C ILE B 160 6.88 -2.93 21.91
N TYR B 161 6.25 -3.32 20.80
CA TYR B 161 6.75 -4.38 19.94
C TYR B 161 6.74 -3.92 18.49
N GLN B 162 7.78 -4.30 17.75
CA GLN B 162 7.84 -4.03 16.32
C GLN B 162 8.74 -5.05 15.66
N ASN B 163 8.30 -5.61 14.53
CA ASN B 163 9.04 -6.65 13.84
C ASN B 163 8.91 -6.41 12.33
N ASN B 164 10.01 -6.04 11.69
CA ASN B 164 10.05 -5.79 10.26
C ASN B 164 10.53 -7.05 9.55
N PHE B 165 9.64 -7.68 8.78
CA PHE B 165 9.98 -8.93 8.13
C PHE B 165 11.04 -8.73 7.05
N LEU B 166 10.90 -7.68 6.24
CA LEU B 166 11.82 -7.47 5.13
C LEU B 166 13.24 -7.22 5.62
N LEU B 167 13.39 -6.41 6.66
CA LEU B 167 14.71 -6.08 7.21
C LEU B 167 15.18 -7.09 8.25
N GLU B 168 14.33 -8.04 8.66
CA GLU B 168 14.63 -8.96 9.75
C GLU B 168 15.05 -8.21 11.00
N ASP B 169 14.24 -7.22 11.36
CA ASP B 169 14.52 -6.32 12.49
C ASP B 169 13.38 -6.43 13.50
N LYS B 170 13.72 -6.78 14.73
CA LYS B 170 12.75 -6.92 15.80
C LYS B 170 13.21 -6.13 17.01
N VAL B 171 12.36 -5.24 17.50
CA VAL B 171 12.65 -4.39 18.65
C VAL B 171 11.53 -4.53 19.67
N ILE B 172 11.89 -4.78 20.92
CA ILE B 172 10.94 -4.89 22.01
C ILE B 172 11.37 -3.96 23.14
N SER B 173 10.44 -3.17 23.64
CA SER B 173 10.68 -2.25 24.75
C SER B 173 9.64 -2.49 25.84
N VAL B 174 10.12 -2.63 27.08
CA VAL B 174 9.26 -2.94 28.22
C VAL B 174 9.54 -1.94 29.34
N ILE B 175 8.47 -1.41 29.93
CA ILE B 175 8.54 -0.56 31.11
C ILE B 175 7.68 -1.17 32.20
N ALA B 176 8.23 -1.31 33.40
CA ALA B 176 7.52 -1.91 34.53
C ALA B 176 7.66 -1.00 35.74
N ASP B 177 6.52 -0.57 36.28
CA ASP B 177 6.47 0.29 37.47
C ASP B 177 5.87 -0.55 38.60
N VAL B 178 6.74 -1.13 39.43
CA VAL B 178 6.26 -2.01 40.51
C VAL B 178 5.79 -1.23 41.73
N ALA B 179 5.97 0.08 41.77
CA ALA B 179 5.45 0.93 42.83
C ALA B 179 4.70 2.10 42.20
N PRO B 180 3.52 1.83 41.61
CA PRO B 180 2.81 2.88 40.86
C PRO B 180 2.31 4.01 41.74
N ASN B 181 1.55 3.69 42.78
CA ASN B 181 0.92 4.71 43.62
C ASN B 181 1.52 4.64 45.02
N GLY B 182 1.84 5.81 45.58
CA GLY B 182 2.42 5.88 46.91
C GLY B 182 3.52 6.91 47.02
N GLU B 183 4.21 7.18 45.91
CA GLU B 183 5.28 8.17 45.90
C GLU B 183 5.28 8.91 44.57
N PRO B 184 5.36 10.25 44.60
CA PRO B 184 5.50 11.02 43.36
C PRO B 184 6.83 10.83 42.67
N ALA B 185 7.81 10.20 43.32
CA ALA B 185 9.12 9.98 42.72
C ALA B 185 9.63 8.63 43.17
N HIS B 186 9.44 7.60 42.34
CA HIS B 186 9.88 6.25 42.63
C HIS B 186 10.74 5.72 41.49
N ASN B 187 11.74 6.51 41.08
CA ASN B 187 12.59 6.12 39.96
C ASN B 187 13.30 4.81 40.20
N ASP B 188 13.63 4.51 41.46
CA ASP B 188 14.37 3.29 41.78
C ASP B 188 13.54 2.03 41.55
N LYS B 189 12.24 2.15 41.34
CA LYS B 189 11.37 0.99 41.12
C LYS B 189 10.67 1.09 39.77
N ILE B 190 11.40 1.58 38.76
CA ILE B 190 10.92 1.64 37.38
C ILE B 190 11.93 0.91 36.52
N GLU B 191 11.52 -0.19 35.91
CA GLU B 191 12.42 -1.04 35.13
C GLU B 191 12.27 -0.74 33.65
N LEU B 192 13.41 -0.54 32.97
CA LEU B 192 13.45 -0.30 31.53
C LEU B 192 14.24 -1.42 30.86
N PHE B 193 13.65 -2.01 29.83
CA PHE B 193 14.28 -3.10 29.09
C PHE B 193 14.19 -2.82 27.60
N TYR B 194 15.33 -2.96 26.90
CA TYR B 194 15.39 -2.84 25.45
C TYR B 194 16.03 -4.10 24.90
N GLN B 195 15.34 -4.74 23.95
CA GLN B 195 15.84 -5.97 23.34
C GLN B 195 15.76 -5.84 21.82
N HIS B 196 16.86 -6.14 21.15
CA HIS B 196 16.95 -6.06 19.69
C HIS B 196 17.41 -7.41 19.16
N ASP B 197 16.61 -7.99 18.27
CA ASP B 197 16.89 -9.31 17.68
C ASP B 197 17.11 -10.36 18.76
N ASP B 198 16.24 -10.36 19.76
CA ASP B 198 16.26 -11.30 20.89
C ASP B 198 17.52 -11.19 21.73
N TYR B 199 18.26 -10.09 21.60
CA TYR B 199 19.43 -9.85 22.43
C TYR B 199 19.29 -8.50 23.13
N PRO B 200 19.58 -8.43 24.44
CA PRO B 200 20.01 -9.51 25.34
C PRO B 200 18.85 -10.42 25.73
N VAL B 201 19.13 -11.52 26.41
CA VAL B 201 18.08 -12.45 26.81
C VAL B 201 17.11 -11.75 27.77
N TRP B 202 15.89 -12.28 27.82
CA TRP B 202 14.86 -11.67 28.67
C TRP B 202 15.27 -11.74 30.14
N GLY B 203 15.12 -10.62 30.84
CA GLY B 203 15.47 -10.55 32.24
C GLY B 203 16.92 -10.29 32.55
N THR B 204 17.73 -9.95 31.55
CA THR B 204 19.15 -9.73 31.77
C THR B 204 19.36 -8.42 32.50
N PRO B 205 20.01 -8.43 33.67
CA PRO B 205 20.26 -7.17 34.39
C PRO B 205 21.31 -6.32 33.69
N GLU B 206 21.32 -5.04 34.04
CA GLU B 206 22.29 -4.09 33.50
C GLU B 206 23.45 -3.96 34.47
N THR B 207 24.67 -3.99 33.95
CA THR B 207 25.85 -3.78 34.76
C THR B 207 26.39 -2.38 34.54
N PRO B 208 26.95 -1.75 35.58
CA PRO B 208 27.52 -0.41 35.40
C PRO B 208 28.67 -0.36 34.41
N SER B 209 29.35 -1.48 34.20
CA SER B 209 30.41 -1.52 33.18
C SER B 209 29.83 -1.32 31.78
N GLU B 210 28.69 -1.94 31.49
CA GLU B 210 28.01 -1.81 30.21
C GLU B 210 26.68 -1.12 30.45
N LYS B 211 26.70 0.22 30.45
CA LYS B 211 25.50 1.00 30.72
C LYS B 211 24.65 1.14 29.47
N GLY B 212 23.33 1.00 29.64
CA GLY B 212 22.39 1.09 28.54
C GLY B 212 21.98 -0.23 27.94
N VAL B 213 22.59 -1.34 28.37
CA VAL B 213 22.30 -2.66 27.84
C VAL B 213 21.74 -3.51 28.98
N GLY B 214 20.62 -4.17 28.72
CA GLY B 214 19.99 -5.04 29.71
C GLY B 214 18.94 -4.30 30.52
N LYS B 215 18.21 -5.07 31.33
CA LYS B 215 17.15 -4.52 32.17
C LYS B 215 17.75 -3.62 33.25
N TYR B 216 17.51 -2.32 33.16
CA TYR B 216 18.05 -1.36 34.11
C TYR B 216 16.92 -0.58 34.76
N ILE B 217 16.99 -0.45 36.08
CA ILE B 217 16.05 0.39 36.79
C ILE B 217 16.27 1.85 36.40
N LEU B 218 15.22 2.66 36.54
CA LEU B 218 15.30 4.05 36.10
C LEU B 218 16.31 4.88 36.90
N SER B 219 16.62 4.46 38.13
CA SER B 219 17.57 5.21 38.93
C SER B 219 19.00 5.08 38.41
N ASN B 220 19.26 4.10 37.55
CA ASN B 220 20.61 3.91 37.02
C ASN B 220 20.96 4.92 35.93
N VAL B 221 19.97 5.64 35.41
CA VAL B 221 20.20 6.56 34.30
C VAL B 221 20.62 7.92 34.86
N GLU B 222 21.40 8.66 34.08
CA GLU B 222 21.83 9.99 34.46
C GLU B 222 20.80 11.02 34.02
N ASN B 223 20.70 12.10 34.81
CA ASN B 223 19.73 13.17 34.57
C ASN B 223 20.41 14.53 34.69
N THR B 224 21.57 14.66 34.05
CA THR B 224 22.28 15.93 34.07
C THR B 224 21.71 16.87 33.01
N LYS B 225 22.16 18.13 33.05
CA LYS B 225 21.78 19.07 32.02
C LYS B 225 22.35 18.68 30.67
N SER B 226 23.54 18.09 30.67
CA SER B 226 24.16 17.66 29.41
C SER B 226 23.33 16.60 28.72
N ASN B 227 22.84 15.62 29.49
CA ASN B 227 22.03 14.53 28.94
C ASN B 227 20.89 14.23 29.91
N PRO B 228 19.76 14.93 29.77
CA PRO B 228 18.59 14.67 30.64
C PRO B 228 17.76 13.50 30.14
N ILE B 229 18.37 12.31 30.16
CA ILE B 229 17.69 11.12 29.65
C ILE B 229 16.45 10.83 30.50
N ARG B 230 16.58 10.95 31.82
CA ARG B 230 15.43 10.75 32.70
C ARG B 230 14.30 11.72 32.36
N ASN B 231 14.62 13.01 32.30
CA ASN B 231 13.60 14.01 32.05
C ASN B 231 13.05 13.90 30.64
N ASN B 232 13.92 13.62 29.66
CA ASN B 232 13.45 13.46 28.28
C ASN B 232 12.48 12.29 28.17
N PHE B 233 12.83 11.15 28.77
CA PHE B 233 11.94 10.00 28.75
C PHE B 233 10.60 10.35 29.41
N LYS B 234 10.65 10.91 30.62
CA LYS B 234 9.44 11.20 31.36
C LYS B 234 8.54 12.18 30.62
N LYS B 235 9.13 13.23 30.04
CA LYS B 235 8.34 14.25 29.37
C LYS B 235 7.79 13.74 28.04
N GLN B 236 8.61 13.01 27.27
CA GLN B 236 8.19 12.65 25.92
C GLN B 236 7.31 11.40 25.92
N PHE B 237 7.79 10.28 26.45
CA PHE B 237 7.11 9.02 26.23
C PHE B 237 6.14 8.76 27.36
N TYR B 238 6.60 8.60 28.61
CA TYR B 238 5.81 7.97 29.65
C TYR B 238 4.47 8.68 29.91
N PHE B 239 4.51 10.01 30.00
CA PHE B 239 3.29 10.77 30.26
C PHE B 239 2.27 10.59 29.13
N LYS B 240 2.73 10.72 27.88
CA LYS B 240 1.83 10.57 26.74
C LYS B 240 1.29 9.15 26.64
N ASN B 241 2.14 8.15 26.89
CA ASN B 241 1.72 6.75 26.80
C ASN B 241 0.66 6.43 27.84
N LEU B 242 0.89 6.84 29.09
CA LEU B 242 -0.08 6.61 30.15
C LEU B 242 -1.39 7.34 29.84
N ASP B 243 -1.30 8.58 29.34
CA ASP B 243 -2.51 9.32 29.01
C ASP B 243 -3.28 8.67 27.86
N TYR B 244 -2.56 8.19 26.84
CA TYR B 244 -3.21 7.54 25.72
C TYR B 244 -3.97 6.31 26.18
N PHE B 245 -3.34 5.49 27.02
CA PHE B 245 -4.05 4.28 27.46
C PHE B 245 -5.19 4.60 28.41
N ASP B 246 -5.03 5.64 29.26
CA ASP B 246 -6.13 6.06 30.12
C ASP B 246 -7.32 6.54 29.30
N LYS B 247 -7.06 7.34 28.26
CA LYS B 247 -8.13 7.80 27.39
C LYS B 247 -8.76 6.65 26.62
N LEU B 248 -7.97 5.64 26.25
CA LEU B 248 -8.55 4.46 25.60
C LEU B 248 -9.49 3.72 26.54
N PHE B 249 -9.08 3.56 27.81
CA PHE B 249 -9.97 2.93 28.78
C PHE B 249 -11.26 3.72 28.96
N THR B 250 -11.15 5.05 29.04
CA THR B 250 -12.34 5.88 29.19
C THR B 250 -13.24 5.80 27.96
N LYS B 251 -12.64 5.74 26.77
CA LYS B 251 -13.43 5.58 25.55
C LYS B 251 -14.16 4.26 25.52
N ILE B 252 -13.50 3.19 25.96
CA ILE B 252 -14.16 1.88 26.04
C ILE B 252 -15.35 1.94 26.98
N PHE B 253 -15.17 2.59 28.14
CA PHE B 253 -16.29 2.75 29.07
C PHE B 253 -17.43 3.56 28.45
N ASP B 254 -17.09 4.65 27.76
CA ASP B 254 -18.11 5.49 27.13
C ASP B 254 -18.92 4.69 26.12
N TYR B 255 -18.24 3.92 25.27
CA TYR B 255 -18.95 3.12 24.27
C TYR B 255 -19.83 2.06 24.92
N ASN B 256 -19.31 1.38 25.95
CA ASN B 256 -20.08 0.29 26.53
C ASN B 256 -21.20 0.80 27.43
N ASP B 257 -21.21 2.10 27.76
CA ASP B 257 -22.39 2.67 28.43
C ASP B 257 -23.40 3.19 27.41
N ARG B 258 -22.91 3.77 26.31
CA ARG B 258 -23.80 4.13 25.21
C ARG B 258 -24.54 2.91 24.69
N ASP B 259 -23.92 1.73 24.77
CA ASP B 259 -24.58 0.49 24.40
C ASP B 259 -25.85 0.26 25.22
N SER B 260 -25.75 0.40 26.54
CA SER B 260 -26.91 0.21 27.40
C SER B 260 -27.97 1.28 27.17
N ASN B 261 -27.53 2.52 26.94
CA ASN B 261 -28.48 3.58 26.62
C ASN B 261 -29.24 3.25 25.33
N LYS B 262 -28.54 2.74 24.32
CA LYS B 262 -29.19 2.35 23.08
C LYS B 262 -30.16 1.19 23.31
N HIS B 263 -29.80 0.24 24.17
CA HIS B 263 -30.72 -0.85 24.48
C HIS B 263 -32.01 -0.33 25.10
N TYR B 264 -31.89 0.60 26.06
CA TYR B 264 -33.09 1.16 26.68
C TYR B 264 -33.93 1.91 25.66
N LYS B 265 -33.29 2.68 24.78
CA LYS B 265 -34.04 3.43 23.77
C LYS B 265 -34.74 2.47 22.80
N LYS B 266 -34.08 1.36 22.45
CA LYS B 266 -34.71 0.38 21.57
C LYS B 266 -35.93 -0.26 22.23
N ASN B 267 -35.84 -0.56 23.52
CA ASN B 267 -37.02 -1.07 24.22
C ASN B 267 -38.15 -0.04 24.23
N VAL B 268 -37.79 1.22 24.45
CA VAL B 268 -38.82 2.27 24.44
C VAL B 268 -39.50 2.35 23.08
N GLU B 269 -38.71 2.28 22.00
CA GLU B 269 -39.29 2.31 20.66
C GLU B 269 -40.19 1.12 20.41
N ALA B 270 -39.76 -0.07 20.84
CA ALA B 270 -40.58 -1.27 20.65
C ALA B 270 -41.91 -1.14 21.39
N LEU B 271 -41.87 -0.62 22.63
CA LEU B 271 -43.12 -0.43 23.36
C LEU B 271 -44.00 0.62 22.70
N LYS B 272 -43.40 1.72 22.22
CA LYS B 272 -44.16 2.77 21.58
C LYS B 272 -44.81 2.30 20.28
N GLY B 273 -44.22 1.30 19.62
CA GLY B 273 -44.74 0.84 18.35
C GLY B 273 -46.15 0.29 18.42
N SER B 274 -46.62 -0.08 19.60
CA SER B 274 -47.95 -0.65 19.76
C SER B 274 -49.06 0.39 19.91
N LEU B 275 -48.71 1.67 19.89
CA LEU B 275 -49.72 2.72 20.06
C LEU B 275 -50.46 3.04 18.76
N LYS B 276 -50.03 2.49 17.63
CA LYS B 276 -50.68 2.75 16.35
C LYS B 276 -52.00 2.01 16.20
N TYR B 277 -52.31 1.06 17.08
CA TYR B 277 -53.57 0.33 17.00
C TYR B 277 -54.14 0.07 18.40
N VAL C 38 -16.64 -19.90 25.54
CA VAL C 38 -15.24 -19.58 25.29
C VAL C 38 -15.12 -18.78 24.00
N ASP C 39 -14.58 -17.57 24.10
CA ASP C 39 -14.37 -16.69 22.96
C ASP C 39 -13.00 -16.98 22.36
N GLU C 40 -12.99 -17.45 21.11
CA GLU C 40 -11.73 -17.78 20.44
C GLU C 40 -11.04 -16.56 19.86
N LEU C 41 -11.70 -15.40 19.85
CA LEU C 41 -11.11 -14.17 19.34
C LEU C 41 -10.83 -13.17 20.47
N LEU C 42 -10.82 -13.63 21.71
CA LEU C 42 -10.64 -12.73 22.85
C LEU C 42 -9.25 -12.09 22.83
N LYS C 43 -8.23 -12.85 22.47
CA LYS C 43 -6.86 -12.33 22.44
C LYS C 43 -6.48 -11.68 21.12
N GLY C 44 -7.32 -11.81 20.09
CA GLY C 44 -7.01 -11.22 18.80
C GLY C 44 -5.75 -11.74 18.16
N GLU C 45 -5.41 -13.00 18.40
CA GLU C 45 -4.19 -13.59 17.88
C GLU C 45 -4.46 -15.02 17.44
N LEU C 46 -3.62 -15.51 16.52
CA LEU C 46 -3.75 -16.88 16.03
C LEU C 46 -3.10 -17.88 16.99
N VAL C 47 -1.81 -17.70 17.24
CA VAL C 47 -1.07 -18.64 18.09
C VAL C 47 -0.15 -17.85 19.01
N PRO C 48 -0.11 -18.15 20.32
CA PRO C 48 0.80 -17.44 21.23
C PRO C 48 2.20 -18.03 21.15
N GLU C 49 3.15 -17.23 20.68
CA GLU C 49 4.55 -17.62 20.65
C GLU C 49 5.26 -17.05 21.88
N ASN C 50 6.10 -17.88 22.49
CA ASN C 50 6.79 -17.49 23.71
C ASN C 50 7.88 -16.46 23.44
N LEU C 55 11.24 -24.95 24.98
CA LEU C 55 11.37 -25.26 26.40
C LEU C 55 12.55 -26.20 26.65
N THR C 56 12.81 -27.09 25.70
CA THR C 56 13.90 -28.05 25.84
C THR C 56 15.23 -27.33 25.93
N GLU C 57 16.13 -27.88 26.76
CA GLU C 57 17.45 -27.28 26.91
C GLU C 57 18.23 -27.30 25.60
N ASP C 58 18.17 -28.41 24.87
CA ASP C 58 18.84 -28.49 23.58
C ASP C 58 18.26 -27.48 22.59
N GLN C 59 16.93 -27.34 22.59
CA GLN C 59 16.30 -26.36 21.70
C GLN C 59 16.72 -24.94 22.06
N LYS C 60 16.83 -24.64 23.35
CA LYS C 60 17.29 -23.32 23.77
C LYS C 60 18.73 -23.08 23.34
N LYS C 61 19.58 -24.09 23.47
CA LYS C 61 20.96 -23.97 23.02
C LYS C 61 21.03 -23.72 21.52
N LYS C 62 20.22 -24.46 20.75
CA LYS C 62 20.17 -24.26 19.30
C LYS C 62 19.69 -22.86 18.95
N LYS C 63 18.69 -22.35 19.67
CA LYS C 63 18.22 -20.99 19.45
C LYS C 63 19.31 -19.97 19.75
N LYS C 64 20.06 -20.18 20.83
CA LYS C 64 21.15 -19.27 21.16
C LYS C 64 22.22 -19.27 20.08
N GLU C 65 22.57 -20.47 19.58
CA GLU C 65 23.60 -20.54 18.54
C GLU C 65 23.12 -19.91 17.23
N ILE C 66 21.84 -20.07 16.92
CA ILE C 66 21.29 -19.45 15.71
C ILE C 66 21.30 -17.92 15.85
N MET C 67 20.98 -17.41 17.04
CA MET C 67 21.05 -15.97 17.28
C MET C 67 22.49 -15.48 17.13
N GLU C 68 23.46 -16.22 17.67
CA GLU C 68 24.86 -15.81 17.55
C GLU C 68 25.29 -15.80 16.08
N GLN C 69 24.86 -16.80 15.31
CA GLN C 69 25.17 -16.81 13.88
C GLN C 69 24.54 -15.62 13.17
N GLU C 70 23.29 -15.30 13.50
CA GLU C 70 22.63 -14.17 12.87
C GLU C 70 23.28 -12.84 13.23
N SER C 71 23.87 -12.75 14.43
CA SER C 71 24.55 -11.52 14.82
C SER C 71 25.76 -11.25 13.93
N LEU C 72 26.52 -12.29 13.60
CA LEU C 72 27.71 -12.11 12.76
C LEU C 72 27.34 -11.61 11.37
N TRP C 73 26.28 -12.15 10.79
CA TRP C 73 25.88 -11.86 9.41
C TRP C 73 24.79 -10.80 9.34
N LYS C 74 24.74 -9.89 10.31
CA LYS C 74 23.70 -8.87 10.33
C LYS C 74 23.90 -7.90 9.17
N ASN C 75 22.88 -7.80 8.31
CA ASN C 75 22.94 -6.97 7.12
C ASN C 75 21.51 -6.63 6.69
N PRO C 76 20.94 -5.54 7.22
CA PRO C 76 19.55 -5.20 6.86
C PRO C 76 19.36 -4.86 5.39
N ASP C 77 20.43 -4.50 4.67
CA ASP C 77 20.34 -4.23 3.25
C ASP C 77 20.35 -5.49 2.40
N PHE C 78 20.52 -6.66 3.01
CA PHE C 78 20.56 -7.90 2.24
C PHE C 78 19.20 -8.20 1.62
N LYS C 79 19.22 -8.62 0.36
CA LYS C 79 18.02 -9.05 -0.36
C LYS C 79 18.36 -10.33 -1.11
N GLY C 80 17.60 -11.39 -0.84
CA GLY C 80 17.90 -12.68 -1.42
C GLY C 80 17.53 -12.75 -2.88
N TYR C 81 18.50 -13.05 -3.74
CA TYR C 81 18.19 -13.24 -5.16
C TYR C 81 17.30 -14.46 -5.37
N ASN C 82 17.58 -15.53 -4.64
CA ASN C 82 16.73 -16.73 -4.67
C ASN C 82 15.66 -16.57 -3.60
N LYS C 83 14.40 -16.61 -4.02
CA LYS C 83 13.29 -16.30 -3.11
C LYS C 83 12.88 -17.47 -2.23
N THR C 84 13.34 -18.69 -2.53
CA THR C 84 12.82 -19.87 -1.83
C THR C 84 13.12 -19.81 -0.34
N PHE C 85 14.37 -19.52 0.03
CA PHE C 85 14.74 -19.53 1.43
C PHE C 85 14.03 -18.44 2.21
N GLN C 86 13.83 -17.28 1.60
CA GLN C 86 13.06 -16.22 2.24
C GLN C 86 11.58 -16.58 2.31
N GLU C 87 11.05 -17.21 1.25
CA GLU C 87 9.65 -17.62 1.25
C GLU C 87 9.38 -18.76 2.21
N LEU C 88 10.42 -19.40 2.76
CA LEU C 88 10.20 -20.34 3.85
C LEU C 88 9.56 -19.68 5.06
N HIS C 89 9.66 -18.35 5.18
CA HIS C 89 9.07 -17.63 6.29
C HIS C 89 7.56 -17.74 6.34
N GLN C 90 6.92 -18.01 5.20
CA GLN C 90 5.46 -18.13 5.16
C GLN C 90 4.93 -19.30 5.96
N LEU C 91 5.79 -20.23 6.37
CA LEU C 91 5.40 -21.37 7.19
C LEU C 91 5.57 -21.10 8.68
N SER C 92 6.05 -19.93 9.07
CA SER C 92 6.35 -19.63 10.46
C SER C 92 5.10 -19.15 11.20
N LYS C 93 5.25 -19.03 12.52
CA LYS C 93 4.15 -18.53 13.36
C LYS C 93 4.00 -17.02 13.27
N THR C 94 5.11 -16.28 13.09
CA THR C 94 5.03 -14.83 13.06
C THR C 94 4.31 -14.34 11.80
N PHE C 95 4.63 -14.94 10.64
CA PHE C 95 3.93 -14.63 9.41
C PHE C 95 2.44 -14.94 9.53
N ALA C 96 2.12 -16.09 10.12
CA ALA C 96 0.72 -16.47 10.28
C ALA C 96 -0.01 -15.51 11.20
N ASN C 97 0.64 -15.09 12.29
CA ASN C 97 0.01 -14.13 13.19
C ASN C 97 -0.26 -12.80 12.50
N ASN C 98 0.71 -12.31 11.73
CA ASN C 98 0.52 -11.04 11.03
C ASN C 98 -0.62 -11.15 10.01
N GLN C 99 -0.67 -12.25 9.25
CA GLN C 99 -1.74 -12.38 8.27
C GLN C 99 -3.09 -12.56 8.94
N PHE C 100 -3.13 -13.28 10.06
CA PHE C 100 -4.36 -13.44 10.82
C PHE C 100 -4.88 -12.09 11.30
N ARG C 101 -3.98 -11.22 11.78
CA ARG C 101 -4.44 -9.92 12.25
C ARG C 101 -4.84 -9.00 11.11
N LEU C 102 -4.19 -9.11 9.95
CA LEU C 102 -4.65 -8.36 8.79
C LEU C 102 -6.07 -8.79 8.40
N ALA C 103 -6.30 -10.10 8.36
CA ALA C 103 -7.64 -10.60 8.03
C ALA C 103 -8.66 -10.17 9.06
N LEU C 104 -8.28 -10.18 10.34
CA LEU C 104 -9.18 -9.75 11.40
C LEU C 104 -9.54 -8.28 11.26
N SER C 105 -8.56 -7.44 10.91
CA SER C 105 -8.83 -6.02 10.71
C SER C 105 -9.80 -5.81 9.55
N ASN C 106 -9.59 -6.51 8.44
CA ASN C 106 -10.50 -6.37 7.31
C ASN C 106 -11.91 -6.87 7.65
N TYR C 107 -12.00 -7.98 8.38
CA TYR C 107 -13.29 -8.52 8.79
C TYR C 107 -14.03 -7.55 9.69
N GLN C 108 -13.33 -6.95 10.65
CA GLN C 108 -13.95 -5.96 11.52
C GLN C 108 -14.42 -4.75 10.73
N SER C 109 -13.64 -4.32 9.73
CA SER C 109 -14.09 -3.21 8.89
C SER C 109 -15.38 -3.55 8.16
N GLY C 110 -15.48 -4.76 7.61
CA GLY C 110 -16.70 -5.14 6.91
C GLY C 110 -17.91 -5.23 7.82
N VAL C 111 -17.74 -5.83 9.00
CA VAL C 111 -18.84 -5.91 9.95
C VAL C 111 -19.25 -4.52 10.41
N ASN C 112 -18.27 -3.62 10.60
CA ASN C 112 -18.58 -2.25 10.95
C ASN C 112 -19.40 -1.57 9.88
N THR C 113 -19.04 -1.79 8.61
CA THR C 113 -19.84 -1.23 7.51
C THR C 113 -21.28 -1.70 7.60
N ILE C 114 -21.50 -3.00 7.77
CA ILE C 114 -22.86 -3.55 7.79
C ILE C 114 -23.64 -2.96 8.96
N MET C 115 -23.07 -2.98 10.16
CA MET C 115 -23.79 -2.53 11.34
C MET C 115 -24.07 -1.04 11.29
N LYS C 116 -23.10 -0.25 10.83
CA LYS C 116 -23.31 1.19 10.71
C LYS C 116 -24.41 1.50 9.72
N ASN C 117 -24.48 0.73 8.62
CA ASN C 117 -25.56 0.95 7.66
C ASN C 117 -26.92 0.62 8.27
N ARG C 118 -26.99 -0.45 9.06
CA ARG C 118 -28.25 -0.78 9.72
C ARG C 118 -28.69 0.33 10.68
N ASP C 119 -27.74 0.85 11.46
CA ASP C 119 -28.06 1.94 12.37
C ASP C 119 -28.50 3.18 11.60
N TRP C 120 -27.82 3.47 10.49
CA TRP C 120 -28.19 4.62 9.67
C TRP C 120 -29.60 4.46 9.12
N VAL C 121 -29.96 3.25 8.68
CA VAL C 121 -31.30 3.03 8.14
C VAL C 121 -32.35 3.28 9.21
N GLU C 122 -32.12 2.75 10.42
CA GLU C 122 -33.07 2.97 11.50
C GLU C 122 -33.22 4.45 11.83
N GLN C 123 -32.09 5.15 11.95
CA GLN C 123 -32.13 6.58 12.27
C GLN C 123 -32.79 7.38 11.18
N TYR C 124 -32.52 7.04 9.92
CA TYR C 124 -33.14 7.75 8.80
C TYR C 124 -34.64 7.55 8.77
N ARG C 125 -35.10 6.32 9.05
CA ARG C 125 -36.54 6.09 9.11
C ARG C 125 -37.17 6.91 10.23
N LYS C 126 -36.52 6.94 11.40
CA LYS C 126 -37.05 7.73 12.51
C LYS C 126 -37.13 9.22 12.16
N GLU C 127 -36.06 9.74 11.57
CA GLU C 127 -36.04 11.16 11.21
C GLU C 127 -37.07 11.49 10.16
N GLU C 128 -37.24 10.62 9.16
CA GLU C 128 -38.25 10.86 8.13
C GLU C 128 -39.65 10.84 8.71
N ALA C 129 -39.90 9.93 9.67
CA ALA C 129 -41.22 9.90 10.30
C ALA C 129 -41.45 11.10 11.19
N GLU C 130 -40.41 11.64 11.80
CA GLU C 130 -40.57 12.68 12.82
C GLU C 130 -40.63 14.10 12.25
N LYS C 131 -40.34 14.31 10.97
CA LYS C 131 -40.29 15.66 10.45
C LYS C 131 -41.64 16.08 9.88
N LYS C 132 -41.85 17.39 9.83
CA LYS C 132 -43.15 17.96 9.50
C LYS C 132 -43.32 18.09 7.99
N ARG C 133 -44.55 17.84 7.52
CA ARG C 133 -44.90 17.94 6.11
C ARG C 133 -46.10 18.88 6.00
N LEU C 134 -45.83 20.16 5.73
CA LEU C 134 -46.90 21.14 5.65
C LEU C 134 -47.64 21.14 4.32
N ASP C 135 -47.12 20.44 3.31
CA ASP C 135 -47.75 20.40 1.99
C ASP C 135 -48.26 19.02 1.62
N GLU C 136 -48.43 18.13 2.61
CA GLU C 136 -48.83 16.75 2.38
C GLU C 136 -50.24 16.56 2.93
N LYS C 137 -51.24 16.57 2.05
CA LYS C 137 -52.63 16.46 2.46
C LYS C 137 -53.38 15.32 1.79
N TRP C 138 -52.79 14.65 0.80
CA TRP C 138 -53.46 13.56 0.11
C TRP C 138 -52.72 12.25 0.39
N TYR C 139 -53.48 11.15 0.37
CA TYR C 139 -52.93 9.84 0.66
C TYR C 139 -51.86 9.44 -0.34
N TRP C 140 -52.09 9.74 -1.62
CA TRP C 140 -51.12 9.36 -2.65
C TRP C 140 -49.80 10.10 -2.47
N GLN C 141 -49.81 11.30 -1.88
CA GLN C 141 -48.57 11.98 -1.56
C GLN C 141 -47.78 11.21 -0.50
N LYS C 142 -48.47 10.68 0.51
CA LYS C 142 -47.80 9.86 1.52
C LYS C 142 -47.25 8.57 0.90
N VAL C 143 -48.00 7.99 -0.04
CA VAL C 143 -47.52 6.80 -0.73
C VAL C 143 -46.26 7.10 -1.51
N ASP C 144 -46.23 8.24 -2.21
CA ASP C 144 -45.04 8.64 -2.97
C ASP C 144 -43.86 8.88 -2.04
N ARG C 145 -44.11 9.51 -0.89
CA ARG C 145 -43.03 9.74 0.08
C ARG C 145 -42.46 8.42 0.60
N LYS C 146 -43.35 7.47 0.91
CA LYS C 146 -42.88 6.16 1.36
C LYS C 146 -42.05 5.47 0.30
N ALA C 147 -42.47 5.55 -0.97
CA ALA C 147 -41.69 4.96 -2.06
C ALA C 147 -40.32 5.63 -2.17
N ARG C 148 -40.27 6.95 -2.02
CA ARG C 148 -38.99 7.65 -2.08
C ARG C 148 -38.06 7.19 -0.96
N GLU C 149 -38.60 7.07 0.26
CA GLU C 149 -37.79 6.59 1.38
C GLU C 149 -37.27 5.19 1.12
N GLU C 150 -38.12 4.31 0.57
CA GLU C 150 -37.67 2.95 0.25
C GLU C 150 -36.56 2.97 -0.79
N ARG C 151 -36.66 3.83 -1.80
CA ARG C 151 -35.60 3.92 -2.80
C ARG C 151 -34.29 4.33 -2.16
N VAL C 152 -34.33 5.36 -1.31
CA VAL C 152 -33.11 5.84 -0.67
C VAL C 152 -32.48 4.75 0.20
N VAL C 153 -33.32 4.07 0.98
CA VAL C 153 -32.83 3.02 1.88
C VAL C 153 -32.20 1.88 1.08
N TYR C 154 -32.85 1.48 -0.01
CA TYR C 154 -32.31 0.39 -0.82
C TYR C 154 -30.97 0.76 -1.43
N ARG C 155 -30.85 1.97 -1.94
CA ARG C 155 -29.58 2.41 -2.52
C ARG C 155 -28.46 2.37 -1.47
N GLU C 156 -28.73 2.91 -0.28
CA GLU C 156 -27.72 2.91 0.76
C GLU C 156 -27.34 1.50 1.18
N LYS C 157 -28.33 0.61 1.30
CA LYS C 157 -28.06 -0.76 1.68
C LYS C 157 -27.17 -1.46 0.65
N MET C 158 -27.45 -1.26 -0.64
CA MET C 158 -26.63 -1.89 -1.67
C MET C 158 -25.21 -1.37 -1.62
N LYS C 159 -25.03 -0.06 -1.42
CA LYS C 159 -23.69 0.50 -1.32
C LYS C 159 -22.92 -0.12 -0.16
N ALA C 160 -23.57 -0.21 1.00
CA ALA C 160 -22.91 -0.79 2.17
C ALA C 160 -22.56 -2.25 1.95
N LYS C 161 -23.46 -3.00 1.30
CA LYS C 161 -23.17 -4.40 1.02
C LYS C 161 -21.96 -4.55 0.12
N GLN C 162 -21.85 -3.71 -0.92
CA GLN C 162 -20.70 -3.79 -1.81
C GLN C 162 -19.39 -3.48 -1.07
N ASP C 163 -19.38 -2.45 -0.23
CA ASP C 163 -18.16 -2.13 0.51
C ASP C 163 -17.79 -3.24 1.48
N ALA C 164 -18.77 -3.78 2.21
CA ALA C 164 -18.49 -4.86 3.15
C ALA C 164 -17.98 -6.09 2.41
N LEU C 165 -18.52 -6.37 1.23
CA LEU C 165 -18.04 -7.51 0.44
C LEU C 165 -16.60 -7.30 0.00
N ASN C 166 -16.23 -6.07 -0.35
CA ASN C 166 -14.83 -5.81 -0.66
C ASN C 166 -13.93 -6.12 0.53
N TYR C 167 -14.34 -5.67 1.72
CA TYR C 167 -13.53 -5.96 2.91
C TYR C 167 -13.44 -7.45 3.19
N PHE C 168 -14.56 -8.17 3.03
CA PHE C 168 -14.55 -9.61 3.31
C PHE C 168 -13.71 -10.38 2.29
N SER C 169 -13.72 -9.93 1.04
CA SER C 169 -12.84 -10.54 0.04
C SER C 169 -11.37 -10.33 0.39
N LYS C 170 -11.04 -9.12 0.86
CA LYS C 170 -9.67 -8.88 1.32
C LYS C 170 -9.31 -9.82 2.48
N ALA C 171 -10.24 -10.01 3.41
CA ALA C 171 -9.98 -10.92 4.53
C ALA C 171 -9.77 -12.35 4.05
N ILE C 172 -10.58 -12.80 3.08
CA ILE C 172 -10.42 -14.15 2.54
C ILE C 172 -9.05 -14.31 1.90
N ASN C 173 -8.63 -13.30 1.11
CA ASN C 173 -7.32 -13.37 0.49
C ASN C 173 -6.21 -13.42 1.53
N HIS C 174 -6.35 -12.65 2.62
CA HIS C 174 -5.34 -12.68 3.68
C HIS C 174 -5.28 -14.04 4.35
N LEU C 175 -6.44 -14.66 4.60
CA LEU C 175 -6.44 -15.96 5.26
C LEU C 175 -5.98 -17.08 4.34
N ASP C 176 -6.08 -16.90 3.02
CA ASP C 176 -5.77 -17.99 2.09
C ASP C 176 -4.27 -18.30 2.02
N GLU C 177 -3.40 -17.38 2.43
CA GLU C 177 -1.97 -17.57 2.29
C GLU C 177 -1.29 -17.91 3.62
N ILE C 178 -2.02 -18.50 4.56
CA ILE C 178 -1.44 -19.12 5.74
C ILE C 178 -1.26 -20.59 5.40
N LYS C 179 -0.01 -20.99 5.12
CA LYS C 179 0.27 -22.29 4.56
C LYS C 179 0.63 -23.34 5.60
N ASN C 180 0.58 -23.02 6.88
CA ASN C 180 0.89 -24.01 7.91
C ASN C 180 -0.32 -24.89 8.15
N PRO C 181 -0.25 -26.19 7.84
CA PRO C 181 -1.41 -27.06 8.08
C PRO C 181 -1.80 -27.17 9.55
N ASP C 182 -0.82 -27.12 10.45
CA ASP C 182 -1.14 -27.17 11.88
C ASP C 182 -1.80 -25.89 12.36
N LEU C 183 -1.36 -24.74 11.84
CA LEU C 183 -1.95 -23.47 12.27
C LEU C 183 -3.34 -23.27 11.69
N ARG C 184 -3.62 -23.88 10.53
CA ARG C 184 -4.98 -23.84 10.00
C ARG C 184 -5.93 -24.74 10.77
N GLU C 185 -5.41 -25.61 11.64
CA GLU C 185 -6.23 -26.48 12.46
C GLU C 185 -6.56 -25.88 13.83
N ARG C 186 -6.05 -24.70 14.13
CA ARG C 186 -6.30 -24.09 15.42
C ARG C 186 -7.73 -23.60 15.53
N PRO C 187 -8.31 -23.60 16.74
CA PRO C 187 -9.69 -23.12 16.89
C PRO C 187 -9.88 -21.66 16.49
N GLU C 188 -8.90 -20.80 16.76
CA GLU C 188 -9.03 -19.39 16.39
C GLU C 188 -9.11 -19.22 14.88
N PHE C 189 -8.28 -19.96 14.15
CA PHE C 189 -8.33 -19.90 12.69
C PHE C 189 -9.68 -20.36 12.17
N LYS C 190 -10.21 -21.46 12.73
CA LYS C 190 -11.51 -21.96 12.29
C LYS C 190 -12.62 -20.96 12.58
N ARG C 191 -12.57 -20.33 13.75
CA ARG C 191 -13.59 -19.34 14.10
C ARG C 191 -13.55 -18.15 13.14
N LEU C 192 -12.35 -17.60 12.90
CA LEU C 192 -12.26 -16.44 12.01
C LEU C 192 -12.65 -16.82 10.59
N LEU C 193 -12.21 -17.98 10.12
CA LEU C 193 -12.57 -18.42 8.77
C LEU C 193 -14.07 -18.60 8.61
N SER C 194 -14.72 -19.21 9.61
CA SER C 194 -16.16 -19.38 9.56
C SER C 194 -16.87 -18.04 9.54
N ASP C 195 -16.45 -17.09 10.40
CA ASP C 195 -17.08 -15.79 10.43
C ASP C 195 -16.94 -15.06 9.10
N VAL C 196 -15.73 -15.07 8.54
CA VAL C 196 -15.49 -14.39 7.27
C VAL C 196 -16.30 -15.02 6.15
N TYR C 197 -16.32 -16.36 6.09
CA TYR C 197 -17.10 -17.04 5.07
C TYR C 197 -18.57 -16.72 5.19
N ARG C 198 -19.11 -16.75 6.41
CA ARG C 198 -20.53 -16.47 6.61
C ARG C 198 -20.88 -15.05 6.17
N SER C 199 -20.07 -14.07 6.58
CA SER C 199 -20.35 -12.69 6.21
C SER C 199 -20.24 -12.49 4.71
N TRP C 200 -19.23 -13.08 4.09
CA TRP C 200 -19.08 -12.98 2.63
C TRP C 200 -20.27 -13.60 1.92
N ILE C 201 -20.73 -14.77 2.37
CA ILE C 201 -21.85 -15.44 1.74
C ILE C 201 -23.11 -14.58 1.85
N MET C 202 -23.36 -14.03 3.04
CA MET C 202 -24.56 -13.22 3.23
C MET C 202 -24.52 -11.96 2.36
N ALA C 203 -23.37 -11.29 2.33
CA ALA C 203 -23.27 -10.08 1.50
C ALA C 203 -23.43 -10.40 0.02
N GLU C 204 -22.78 -11.47 -0.46
CA GLU C 204 -22.85 -11.80 -1.87
C GLU C 204 -24.25 -12.25 -2.26
N TYR C 205 -24.95 -12.95 -1.37
CA TYR C 205 -26.34 -13.30 -1.63
C TYR C 205 -27.22 -12.06 -1.69
N ASP C 206 -27.03 -11.12 -0.76
CA ASP C 206 -27.84 -9.90 -0.78
C ASP C 206 -27.53 -9.03 -1.99
N LEU C 207 -26.36 -9.18 -2.60
CA LEU C 207 -26.06 -8.51 -3.85
C LEU C 207 -26.56 -9.28 -5.07
N GLN C 208 -27.26 -10.39 -4.85
CA GLN C 208 -27.89 -11.21 -5.89
C GLN C 208 -26.88 -11.96 -6.76
N ASN C 209 -25.68 -12.21 -6.25
CA ASN C 209 -24.70 -13.05 -6.94
C ASN C 209 -24.74 -14.46 -6.35
N LEU C 210 -25.86 -15.14 -6.62
CA LEU C 210 -26.10 -16.45 -6.02
C LEU C 210 -25.11 -17.53 -6.43
N PRO C 211 -24.78 -17.73 -7.72
CA PRO C 211 -23.84 -18.82 -8.06
C PRO C 211 -22.47 -18.68 -7.42
N GLN C 212 -21.99 -17.45 -7.20
CA GLN C 212 -20.66 -17.25 -6.63
C GLN C 212 -20.56 -17.75 -5.19
N THR C 213 -21.68 -17.86 -4.48
CA THR C 213 -21.67 -18.30 -3.09
C THR C 213 -21.53 -19.80 -2.92
N ILE C 214 -21.76 -20.59 -3.98
CA ILE C 214 -21.75 -22.04 -3.83
C ILE C 214 -20.39 -22.58 -3.42
N PRO C 215 -19.26 -22.24 -4.07
CA PRO C 215 -17.97 -22.74 -3.58
C PRO C 215 -17.67 -22.33 -2.15
N ILE C 216 -18.02 -21.09 -1.78
CA ILE C 216 -17.76 -20.61 -0.43
C ILE C 216 -18.61 -21.37 0.58
N LEU C 217 -19.88 -21.63 0.26
CA LEU C 217 -20.72 -22.42 1.15
C LEU C 217 -20.19 -23.84 1.31
N GLU C 218 -19.75 -24.45 0.20
CA GLU C 218 -19.24 -25.81 0.28
C GLU C 218 -17.95 -25.89 1.06
N LEU C 219 -17.11 -24.85 0.98
CA LEU C 219 -15.96 -24.77 1.87
C LEU C 219 -16.39 -24.57 3.32
N TYR C 220 -17.44 -23.78 3.54
CA TYR C 220 -17.88 -23.45 4.89
C TYR C 220 -18.38 -24.69 5.62
N ILE C 221 -19.15 -25.54 4.95
CA ILE C 221 -19.75 -26.68 5.63
C ILE C 221 -18.76 -27.82 5.87
N GLU C 222 -17.48 -27.63 5.55
CA GLU C 222 -16.45 -28.61 5.84
C GLU C 222 -15.64 -28.27 7.08
N ILE C 223 -16.04 -27.25 7.83
CA ILE C 223 -15.28 -26.78 8.99
C ILE C 223 -16.04 -27.14 10.25
N ASP C 224 -15.42 -27.94 11.11
CA ASP C 224 -15.96 -28.33 12.43
C ASP C 224 -17.32 -28.98 12.21
N ASP C 225 -18.39 -28.54 12.89
CA ASP C 225 -19.74 -29.05 12.69
C ASP C 225 -20.62 -28.05 11.96
N ASN C 226 -20.04 -27.30 11.02
CA ASN C 226 -20.81 -26.30 10.28
C ASN C 226 -21.85 -26.94 9.38
N GLU C 227 -21.67 -28.23 9.05
CA GLU C 227 -22.65 -28.92 8.22
C GLU C 227 -23.98 -29.09 8.93
N LYS C 228 -24.01 -28.94 10.25
CA LYS C 228 -25.23 -29.09 11.02
C LYS C 228 -26.03 -27.79 11.15
N GLU C 229 -25.58 -26.71 10.52
CA GLU C 229 -26.31 -25.45 10.52
C GLU C 229 -27.20 -25.38 9.28
N TYR C 230 -28.51 -25.36 9.50
CA TYR C 230 -29.50 -25.37 8.41
C TYR C 230 -29.49 -24.11 7.53
N PRO C 231 -29.11 -22.92 8.02
CA PRO C 231 -29.04 -21.78 7.09
C PRO C 231 -28.11 -21.99 5.92
N ALA C 232 -26.98 -22.67 6.13
CA ALA C 232 -26.07 -22.95 5.03
C ALA C 232 -26.74 -23.80 3.96
N HIS C 233 -27.49 -24.82 4.38
CA HIS C 233 -28.19 -25.67 3.42
C HIS C 233 -29.33 -24.92 2.73
N LYS C 234 -29.99 -24.00 3.43
CA LYS C 234 -31.01 -23.18 2.78
C LYS C 234 -30.40 -22.28 1.71
N TYR C 235 -29.26 -21.66 2.02
CA TYR C 235 -28.56 -20.85 1.01
C TYR C 235 -28.14 -21.70 -0.18
N LEU C 236 -27.63 -22.90 0.09
CA LEU C 236 -27.21 -23.79 -0.99
C LEU C 236 -28.38 -24.22 -1.84
N ALA C 237 -29.53 -24.50 -1.22
CA ALA C 237 -30.71 -24.87 -1.99
C ALA C 237 -31.14 -23.76 -2.91
N SER C 238 -31.17 -22.52 -2.41
CA SER C 238 -31.52 -21.38 -3.26
C SER C 238 -30.53 -21.22 -4.42
N ALA C 239 -29.23 -21.31 -4.12
CA ALA C 239 -28.23 -21.07 -5.16
C ALA C 239 -28.26 -22.16 -6.23
N TYR C 240 -28.42 -23.42 -5.83
CA TYR C 240 -28.49 -24.49 -6.81
C TYR C 240 -29.80 -24.43 -7.61
N SER C 241 -30.89 -23.97 -6.99
CA SER C 241 -32.11 -23.74 -7.76
C SER C 241 -31.90 -22.67 -8.82
N PHE C 242 -31.20 -21.60 -8.46
CA PHE C 242 -30.88 -20.56 -9.44
C PHE C 242 -30.04 -21.13 -10.59
N GLU C 243 -29.04 -21.95 -10.27
CA GLU C 243 -28.20 -22.55 -11.31
C GLU C 243 -29.01 -23.45 -12.23
N GLU C 244 -29.90 -24.27 -11.66
CA GLU C 244 -30.73 -25.15 -12.47
C GLU C 244 -31.65 -24.33 -13.37
N ASN C 245 -32.25 -23.26 -12.85
CA ASN C 245 -33.10 -22.42 -13.66
C ASN C 245 -32.33 -21.74 -14.79
N MET C 246 -31.10 -21.32 -14.52
CA MET C 246 -30.29 -20.71 -15.57
C MET C 246 -29.91 -21.72 -16.65
N ILE C 247 -29.65 -22.97 -16.26
CA ILE C 247 -29.40 -24.01 -17.25
C ILE C 247 -30.65 -24.25 -18.09
N LYS C 248 -31.82 -24.30 -17.45
CA LYS C 248 -33.06 -24.54 -18.18
C LYS C 248 -33.38 -23.40 -19.13
N LYS C 249 -33.12 -22.16 -18.72
CA LYS C 249 -33.48 -20.99 -19.52
C LYS C 249 -32.64 -20.92 -20.80
N THR C 250 -31.35 -21.24 -20.72
CA THR C 250 -30.46 -21.14 -21.86
C THR C 250 -30.40 -22.43 -22.68
N LYS C 251 -31.18 -23.44 -22.32
CA LYS C 251 -31.18 -24.74 -23.00
C LYS C 251 -29.78 -25.36 -23.02
N GLY C 252 -29.17 -25.44 -21.85
CA GLY C 252 -27.85 -26.01 -21.71
C GLY C 252 -27.89 -27.52 -21.62
N PRO C 253 -26.75 -28.13 -21.29
CA PRO C 253 -26.67 -29.60 -21.28
C PRO C 253 -27.56 -30.20 -20.20
N ASP C 254 -28.10 -31.39 -20.51
CA ASP C 254 -28.97 -32.08 -19.56
C ASP C 254 -28.20 -32.59 -18.34
N ASP C 255 -26.91 -32.92 -18.51
CA ASP C 255 -26.12 -33.39 -17.38
C ASP C 255 -26.02 -32.33 -16.30
N MET C 256 -25.73 -31.08 -16.70
CA MET C 256 -25.65 -30.00 -15.73
C MET C 256 -27.00 -29.74 -15.07
N LEU C 257 -28.08 -29.82 -15.84
CA LEU C 257 -29.41 -29.63 -15.27
C LEU C 257 -29.70 -30.67 -14.20
N PHE C 258 -29.42 -31.94 -14.50
CA PHE C 258 -29.66 -33.00 -13.52
C PHE C 258 -28.76 -32.82 -12.29
N LYS C 259 -27.50 -32.49 -12.50
CA LYS C 259 -26.58 -32.31 -11.37
C LYS C 259 -27.05 -31.19 -10.45
N TYR C 260 -27.40 -30.04 -11.03
CA TYR C 260 -27.86 -28.91 -10.23
C TYR C 260 -29.15 -29.25 -9.49
N ARG C 261 -30.10 -29.91 -10.17
CA ARG C 261 -31.35 -30.27 -9.52
C ARG C 261 -31.12 -31.23 -8.36
N TYR C 262 -30.24 -32.22 -8.55
CA TYR C 262 -29.95 -33.18 -7.48
C TYR C 262 -29.30 -32.49 -6.29
N LYS C 263 -28.34 -31.60 -6.55
CA LYS C 263 -27.69 -30.88 -5.45
C LYS C 263 -28.70 -30.01 -4.71
N LYS C 264 -29.56 -29.32 -5.44
CA LYS C 264 -30.58 -28.48 -4.81
C LYS C 264 -31.52 -29.31 -3.95
N ASN C 265 -31.96 -30.46 -4.46
CA ASN C 265 -32.87 -31.30 -3.68
C ASN C 265 -32.20 -31.85 -2.44
N VAL C 266 -30.94 -32.28 -2.56
CA VAL C 266 -30.23 -32.82 -1.40
C VAL C 266 -30.11 -31.75 -0.32
N HIS C 267 -29.68 -30.55 -0.69
CA HIS C 267 -29.48 -29.51 0.32
C HIS C 267 -30.81 -29.00 0.88
N LEU C 268 -31.87 -28.96 0.06
CA LEU C 268 -33.18 -28.59 0.58
C LEU C 268 -33.68 -29.59 1.61
N LEU C 269 -33.55 -30.89 1.31
CA LEU C 269 -33.97 -31.91 2.26
C LEU C 269 -33.15 -31.84 3.55
N ARG C 270 -31.84 -31.61 3.42
CA ARG C 270 -31.00 -31.49 4.61
C ARG C 270 -31.41 -30.30 5.46
N ALA C 271 -31.67 -29.14 4.82
CA ALA C 271 -32.10 -27.97 5.58
C ALA C 271 -33.43 -28.22 6.26
N THR C 272 -34.34 -28.94 5.59
CA THR C 272 -35.62 -29.26 6.20
C THR C 272 -35.45 -30.17 7.41
N GLU C 273 -34.62 -31.20 7.30
CA GLU C 273 -34.42 -32.12 8.41
C GLU C 273 -33.75 -31.44 9.59
N LEU C 274 -32.76 -30.58 9.33
CA LEU C 274 -32.03 -29.94 10.42
C LEU C 274 -32.91 -28.98 11.21
N LYS C 275 -33.84 -28.30 10.55
CA LYS C 275 -34.67 -27.31 11.24
C LYS C 275 -35.91 -27.92 11.88
N TYR C 276 -36.53 -28.91 11.22
CA TYR C 276 -37.80 -29.45 11.69
C TYR C 276 -37.71 -30.89 12.17
N GLY C 277 -36.62 -31.59 11.89
CA GLY C 277 -36.51 -32.97 12.33
C GLY C 277 -36.99 -33.96 11.29
N LYS C 278 -36.41 -35.15 11.34
CA LYS C 278 -36.80 -36.22 10.43
C LYS C 278 -38.22 -36.69 10.76
N ASP C 279 -38.86 -37.29 9.76
CA ASP C 279 -40.24 -37.82 9.85
C ASP C 279 -41.20 -36.81 10.47
N SER C 280 -40.95 -35.53 10.26
CA SER C 280 -41.87 -34.46 10.63
C SER C 280 -42.76 -34.10 9.44
N PRO C 281 -43.90 -33.43 9.68
CA PRO C 281 -44.75 -33.04 8.54
C PRO C 281 -44.03 -32.20 7.50
N GLU C 282 -43.15 -31.30 7.93
CA GLU C 282 -42.34 -30.55 6.97
C GLU C 282 -41.43 -31.48 6.18
N TYR C 283 -40.80 -32.44 6.87
CA TYR C 283 -39.93 -33.38 6.19
C TYR C 283 -40.72 -34.23 5.20
N LYS C 284 -41.91 -34.70 5.58
CA LYS C 284 -42.73 -35.49 4.67
C LYS C 284 -43.15 -34.68 3.46
N HIS C 285 -43.54 -33.42 3.67
CA HIS C 285 -43.93 -32.57 2.55
C HIS C 285 -42.77 -32.34 1.59
N ILE C 286 -41.58 -32.09 2.13
CA ILE C 286 -40.41 -31.88 1.28
C ILE C 286 -40.05 -33.17 0.54
N VAL C 287 -40.23 -34.31 1.20
CA VAL C 287 -39.99 -35.59 0.53
C VAL C 287 -40.93 -35.76 -0.65
N ASN C 288 -42.22 -35.42 -0.46
CA ASN C 288 -43.17 -35.52 -1.55
C ASN C 288 -42.80 -34.58 -2.70
N VAL C 289 -42.40 -33.35 -2.37
CA VAL C 289 -42.04 -32.38 -3.41
C VAL C 289 -40.82 -32.86 -4.19
N ILE C 290 -39.80 -33.37 -3.49
CA ILE C 290 -38.59 -33.83 -4.16
C ILE C 290 -38.89 -35.07 -5.00
N ASN C 291 -39.74 -35.97 -4.51
CA ASN C 291 -40.12 -37.14 -5.27
C ASN C 291 -40.82 -36.74 -6.56
N ARG C 292 -41.71 -35.74 -6.49
CA ARG C 292 -42.32 -35.21 -7.70
C ARG C 292 -41.28 -34.62 -8.64
N ASP C 293 -40.30 -33.90 -8.09
CA ASP C 293 -39.36 -33.16 -8.92
C ASP C 293 -38.38 -34.09 -9.64
N GLU C 294 -37.88 -35.12 -8.96
CA GLU C 294 -36.77 -35.89 -9.47
C GLU C 294 -37.23 -37.05 -10.37
N VAL C 295 -36.27 -37.64 -11.06
CA VAL C 295 -36.52 -38.76 -11.96
C VAL C 295 -36.39 -40.06 -11.19
N ILE C 296 -37.42 -40.90 -11.25
CA ILE C 296 -37.42 -42.21 -10.62
C ILE C 296 -37.94 -43.23 -11.63
N SER C 297 -37.65 -44.50 -11.36
CA SER C 297 -38.04 -45.60 -12.23
C SER C 297 -38.79 -46.65 -11.43
N VAL C 298 -39.94 -47.08 -11.94
CA VAL C 298 -40.75 -48.11 -11.31
C VAL C 298 -40.63 -49.42 -12.08
#